data_4AIS
#
_entry.id   4AIS
#
_cell.length_a   51.330
_cell.length_b   93.770
_cell.length_c   99.160
_cell.angle_alpha   104.27
_cell.angle_beta   94.01
_cell.angle_gamma   102.97
#
_symmetry.space_group_name_H-M   'P 1'
#
loop_
_entity.id
_entity.type
_entity.pdbx_description
1 polymer 'O-GLCNACASE BT_4395'
2 non-polymer 'GLYCOLIC ACID'
3 non-polymer GLYCEROL
4 water water
#
_entity_poly.entity_id   1
_entity_poly.type   'polypeptide(L)'
_entity_poly.pdbx_seq_one_letter_code
;MKNNKIYLLGACLLCAVTTFAQNVSLQPPPQQLIVQNKTIDLPAVYQLNGGEEANPHAVKVLKELLSGKQSSKKGMLISI
GEKGDKSVRKYSRQIPDHKEGYYLSVNEKEIVLAGNDERGTYYALQTFAQLLKDGKLPEVEIKDYPSVRYRGVVEGFYGT
PWSHQARLSQLKFYGKNKMNTYIYGPKDDPYHSAPNWRLPYPDKEAAQLQELVAVANENEVDFVWAIHPGQDIKWNKEDR
DLLLAKFEKMYQLGVRSFAVFFDDISGEGTNPQKQAELLNYIDEKFAQVKPDINQLVMCPTEYNKSWSNPNGNYLTTLGD
KLNPSIQIMWTGDRVISDITRDGISWINERIKRPAYIWWNFPVSDYVRDHLLLGPVYGNDTTIAKEMSGFVTNPMEHAES
SKIAIYSVASYAWNPAKYDTWQTWKDAIRTILPSAAEELECFAMHNSDLGPNGHGYRREESMDIQPAAERFLKAFKEGKN
YDKADFETLQYTFERMKESADILLMNTENKPLIVEITPWVHQFKLTAEMGEEVLKMVEGRNESYFLRKYNHVKALQQQMF
YIDQTSNQNPYQPGVKTATRVIKPLIDRTFATVVKFFNQKFNAHLDATTDYMPHKMISNVEQIKNLPLQVKANRVLISPA
NEVVKWAAGNSVEIELDAIYPGENIQINFGKDAPCTWGRLEISTDGKEWKTVDLKQKESRLSAGLQKAPVKFVRFTNVSD
EEQQVYLRQFVLTIEKK
;
_entity_poly.pdbx_strand_id   A,B
#
# COMPACT_ATOMS: atom_id res chain seq x y z
N SER A 25 -38.10 -17.85 12.54
CA SER A 25 -36.72 -17.91 11.95
C SER A 25 -36.50 -17.22 10.59
N LEU A 26 -36.92 -15.97 10.46
CA LEU A 26 -37.06 -15.29 9.17
C LEU A 26 -35.73 -14.96 8.49
N GLN A 27 -35.61 -15.26 7.18
CA GLN A 27 -34.39 -14.90 6.43
C GLN A 27 -34.79 -14.20 5.15
N PRO A 28 -34.29 -12.98 4.94
CA PRO A 28 -33.46 -12.17 5.84
C PRO A 28 -34.27 -11.76 7.10
N PRO A 29 -33.57 -11.49 8.20
CA PRO A 29 -34.22 -10.95 9.42
C PRO A 29 -34.79 -9.50 9.22
N PRO A 30 -36.07 -9.29 9.56
CA PRO A 30 -36.61 -7.93 9.35
C PRO A 30 -35.93 -6.79 10.19
N GLN A 31 -36.13 -5.57 9.73
CA GLN A 31 -35.65 -4.41 10.44
C GLN A 31 -36.28 -4.34 11.82
N GLN A 32 -37.56 -4.63 11.90
CA GLN A 32 -38.26 -4.50 13.12
C GLN A 32 -39.27 -5.62 13.22
N LEU A 33 -39.28 -6.25 14.37
CA LEU A 33 -40.16 -7.36 14.56
C LEU A 33 -40.65 -7.31 15.99
N ILE A 34 -41.95 -7.48 16.15
CA ILE A 34 -42.56 -7.53 17.46
C ILE A 34 -43.46 -8.75 17.43
N VAL A 35 -43.12 -9.74 18.23
CA VAL A 35 -43.88 -10.98 18.25
C VAL A 35 -44.73 -11.06 19.52
N GLN A 36 -45.98 -11.48 19.35
CA GLN A 36 -46.89 -11.77 20.46
C GLN A 36 -46.95 -13.27 20.61
N ASN A 37 -46.90 -13.76 21.85
CA ASN A 37 -46.75 -15.19 22.08
C ASN A 37 -47.95 -16.05 21.76
N LYS A 38 -48.99 -15.45 21.17
CA LYS A 38 -50.13 -16.21 20.62
C LYS A 38 -49.87 -16.73 19.21
N THR A 39 -50.71 -17.66 18.77
CA THR A 39 -50.74 -18.07 17.38
C THR A 39 -52.17 -18.04 16.88
N ILE A 40 -52.32 -18.00 15.57
CA ILE A 40 -53.60 -17.85 14.92
C ILE A 40 -53.59 -18.93 13.85
N ASP A 41 -54.76 -19.22 13.30
CA ASP A 41 -54.86 -20.23 12.30
C ASP A 41 -55.15 -19.56 10.98
N LEU A 42 -54.50 -20.04 9.92
CA LEU A 42 -54.73 -19.55 8.56
C LEU A 42 -56.20 -19.73 8.24
N PRO A 43 -56.90 -18.62 7.95
CA PRO A 43 -58.36 -18.70 7.81
C PRO A 43 -58.80 -19.51 6.60
N ALA A 44 -59.67 -20.49 6.86
CA ALA A 44 -60.39 -21.22 5.82
C ALA A 44 -61.57 -20.37 5.36
N VAL A 45 -62.05 -19.55 6.30
CA VAL A 45 -63.07 -18.52 6.08
C VAL A 45 -62.32 -17.17 6.14
N TYR A 46 -62.27 -16.47 5.01
CA TYR A 46 -61.53 -15.20 4.92
C TYR A 46 -62.05 -14.21 3.86
N GLN A 47 -61.92 -12.95 4.16
CA GLN A 47 -62.26 -11.96 3.19
C GLN A 47 -61.01 -11.27 2.65
N LEU A 48 -60.91 -11.24 1.35
CA LEU A 48 -59.76 -10.64 0.68
C LEU A 48 -60.06 -9.30 0.10
N ASN A 49 -59.12 -8.39 0.32
CA ASN A 49 -59.28 -7.00 0.21
C ASN A 49 -58.07 -6.38 -0.45
N GLY A 50 -58.21 -5.78 -1.62
CA GLY A 50 -57.10 -5.20 -2.34
C GLY A 50 -56.50 -6.13 -3.36
N GLY A 51 -57.10 -7.29 -3.48
CA GLY A 51 -56.66 -8.34 -4.40
C GLY A 51 -56.48 -7.87 -5.81
N GLU A 52 -57.48 -7.13 -6.33
CA GLU A 52 -57.42 -6.63 -7.71
C GLU A 52 -56.36 -5.55 -8.00
N GLU A 53 -55.87 -4.85 -6.98
CA GLU A 53 -55.06 -3.62 -7.18
C GLU A 53 -53.65 -3.72 -6.59
N ALA A 54 -53.37 -4.76 -5.81
CA ALA A 54 -52.00 -5.03 -5.38
C ALA A 54 -51.10 -5.63 -6.51
N ASN A 55 -49.76 -5.55 -6.32
CA ASN A 55 -48.79 -6.26 -7.17
C ASN A 55 -49.35 -7.67 -7.49
N PRO A 56 -49.63 -7.96 -8.76
CA PRO A 56 -50.12 -9.31 -9.11
C PRO A 56 -49.13 -10.43 -8.74
N HIS A 57 -47.82 -10.16 -8.77
CA HIS A 57 -46.88 -11.21 -8.31
C HIS A 57 -47.13 -11.59 -6.84
N ALA A 58 -47.41 -10.60 -5.98
CA ALA A 58 -47.70 -10.85 -4.55
C ALA A 58 -49.01 -11.60 -4.32
N VAL A 59 -50.06 -11.21 -5.08
CA VAL A 59 -51.40 -11.82 -4.98
C VAL A 59 -51.36 -13.33 -5.33
N LYS A 60 -50.66 -13.67 -6.41
CA LYS A 60 -50.51 -15.06 -6.87
C LYS A 60 -50.00 -15.95 -5.72
N VAL A 61 -48.88 -15.55 -5.11
CA VAL A 61 -48.29 -16.20 -3.94
C VAL A 61 -49.28 -16.32 -2.78
N LEU A 62 -49.98 -15.23 -2.43
CA LEU A 62 -51.01 -15.28 -1.38
C LEU A 62 -52.03 -16.35 -1.66
N LYS A 63 -52.53 -16.35 -2.89
CA LYS A 63 -53.52 -17.32 -3.35
C LYS A 63 -53.04 -18.76 -3.39
N GLU A 64 -51.73 -18.98 -3.63
CA GLU A 64 -51.14 -20.33 -3.55
C GLU A 64 -51.12 -20.78 -2.12
N LEU A 65 -50.90 -19.85 -1.20
CA LEU A 65 -50.78 -20.13 0.22
C LEU A 65 -52.14 -20.38 0.86
N LEU A 66 -53.17 -19.73 0.30
CA LEU A 66 -54.56 -19.83 0.74
C LEU A 66 -55.32 -20.86 -0.08
N SER A 67 -54.57 -21.67 -0.84
CA SER A 67 -55.11 -22.66 -1.76
C SER A 67 -56.27 -23.46 -1.15
N GLY A 68 -57.34 -23.63 -1.94
CA GLY A 68 -58.56 -24.33 -1.50
C GLY A 68 -59.00 -24.01 -0.08
N LYS A 69 -59.36 -22.76 0.17
CA LYS A 69 -59.72 -22.28 1.51
C LYS A 69 -60.81 -21.20 1.49
N GLY A 75 -65.85 -13.85 7.89
CA GLY A 75 -64.59 -14.37 7.33
C GLY A 75 -63.44 -13.38 7.49
N MET A 76 -62.36 -13.86 8.13
CA MET A 76 -61.18 -13.05 8.49
C MET A 76 -60.70 -12.11 7.38
N LEU A 77 -60.29 -10.92 7.78
CA LEU A 77 -59.84 -9.94 6.85
C LEU A 77 -58.38 -10.09 6.50
N ILE A 78 -58.13 -10.11 5.22
CA ILE A 78 -56.80 -10.00 4.66
C ILE A 78 -56.75 -8.85 3.68
N SER A 79 -55.94 -7.86 4.02
CA SER A 79 -55.76 -6.68 3.22
C SER A 79 -54.34 -6.66 2.67
N ILE A 80 -54.26 -6.47 1.37
CA ILE A 80 -53.04 -6.52 0.60
C ILE A 80 -53.04 -5.33 -0.32
N GLY A 81 -51.93 -4.65 -0.49
CA GLY A 81 -51.88 -3.52 -1.40
C GLY A 81 -50.60 -2.73 -1.23
N GLU A 82 -50.38 -1.77 -2.13
CA GLU A 82 -49.28 -0.83 -2.04
C GLU A 82 -49.78 0.47 -1.40
N LYS A 83 -48.93 1.14 -0.62
CA LYS A 83 -49.22 2.47 -0.15
C LYS A 83 -49.93 3.29 -1.24
N GLY A 84 -51.13 3.74 -0.94
CA GLY A 84 -51.90 4.50 -1.91
C GLY A 84 -53.15 3.75 -2.31
N ASP A 85 -53.14 2.42 -2.19
CA ASP A 85 -54.30 1.61 -2.48
C ASP A 85 -55.32 1.82 -1.34
N LYS A 86 -56.60 1.74 -1.71
CA LYS A 86 -57.71 1.91 -0.78
C LYS A 86 -57.63 0.90 0.35
N SER A 87 -57.26 -0.33 0.00
CA SER A 87 -57.23 -1.46 0.91
C SER A 87 -56.37 -1.25 2.18
N VAL A 88 -55.29 -0.49 2.07
CA VAL A 88 -54.26 -0.35 3.11
C VAL A 88 -54.14 1.11 3.61
N ARG A 89 -55.16 1.93 3.30
CA ARG A 89 -55.24 3.33 3.80
C ARG A 89 -55.01 3.43 5.30
N LYS A 90 -55.65 2.54 6.04
CA LYS A 90 -55.56 2.48 7.50
C LYS A 90 -54.14 2.39 8.05
N TYR A 91 -53.20 1.85 7.25
CA TYR A 91 -51.83 1.56 7.72
C TYR A 91 -50.72 2.37 7.07
N SER A 92 -51.08 3.31 6.21
CA SER A 92 -50.14 4.16 5.51
C SER A 92 -49.00 4.69 6.39
N ARG A 93 -49.27 4.88 7.68
CA ARG A 93 -48.24 5.45 8.54
C ARG A 93 -47.33 4.38 9.12
N GLN A 94 -47.81 3.14 9.10
CA GLN A 94 -46.96 2.05 9.50
C GLN A 94 -46.06 1.48 8.37
N ILE A 95 -46.44 1.64 7.10
CA ILE A 95 -45.62 1.22 5.94
C ILE A 95 -44.31 2.03 5.92
N PRO A 96 -43.13 1.36 5.96
CA PRO A 96 -41.88 2.14 6.01
C PRO A 96 -41.61 2.94 4.73
N ASP A 97 -41.05 4.14 4.90
CA ASP A 97 -40.86 5.02 3.77
C ASP A 97 -39.51 4.71 3.12
N HIS A 98 -39.41 3.52 2.53
CA HIS A 98 -38.19 3.05 1.83
C HIS A 98 -38.61 2.24 0.61
N LYS A 99 -37.85 2.40 -0.47
CA LYS A 99 -37.96 1.47 -1.61
C LYS A 99 -37.94 0.01 -1.13
N GLU A 100 -38.95 -0.77 -1.54
CA GLU A 100 -39.08 -2.19 -1.24
C GLU A 100 -39.50 -2.49 0.23
N GLY A 101 -39.83 -1.43 0.96
CA GLY A 101 -40.36 -1.57 2.33
C GLY A 101 -41.74 -2.19 2.34
N TYR A 102 -42.10 -2.80 3.48
CA TYR A 102 -43.49 -3.24 3.69
C TYR A 102 -43.81 -3.21 5.19
N TYR A 103 -45.09 -3.13 5.47
CA TYR A 103 -45.63 -3.37 6.79
C TYR A 103 -46.36 -4.70 6.73
N LEU A 104 -46.15 -5.55 7.74
CA LEU A 104 -46.88 -6.82 7.87
C LEU A 104 -47.44 -7.01 9.29
N SER A 105 -48.65 -7.54 9.41
CA SER A 105 -49.28 -7.75 10.72
C SER A 105 -50.24 -8.92 10.67
N VAL A 106 -50.29 -9.70 11.74
CA VAL A 106 -51.25 -10.82 11.87
C VAL A 106 -51.89 -10.78 13.28
N ASN A 107 -53.22 -10.77 13.33
CA ASN A 107 -53.93 -10.97 14.61
C ASN A 107 -55.21 -11.80 14.43
N GLU A 108 -55.90 -12.08 15.53
CA GLU A 108 -57.15 -12.84 15.49
C GLU A 108 -58.14 -12.29 14.44
N LYS A 109 -58.21 -10.96 14.31
CA LYS A 109 -59.20 -10.32 13.40
C LYS A 109 -58.71 -10.08 11.98
N GLU A 110 -57.48 -9.58 11.82
CA GLU A 110 -56.98 -9.37 10.45
C GLU A 110 -55.49 -9.62 10.14
N ILE A 111 -55.23 -9.84 8.85
CA ILE A 111 -53.88 -9.98 8.30
C ILE A 111 -53.60 -8.82 7.36
N VAL A 112 -52.50 -8.12 7.59
CA VAL A 112 -52.13 -6.99 6.77
C VAL A 112 -50.79 -7.26 6.04
N LEU A 113 -50.78 -6.96 4.73
CA LEU A 113 -49.63 -7.10 3.84
C LEU A 113 -49.48 -5.89 2.91
N ALA A 114 -48.66 -4.92 3.29
CA ALA A 114 -48.70 -3.62 2.64
C ALA A 114 -47.33 -3.12 2.28
N GLY A 115 -47.05 -2.93 0.99
CA GLY A 115 -45.69 -2.52 0.59
C GLY A 115 -45.64 -1.04 0.32
N ASN A 116 -44.54 -0.38 0.68
CA ASN A 116 -44.30 0.98 0.20
C ASN A 116 -44.53 1.06 -1.32
N ASP A 117 -44.18 -0.03 -2.01
CA ASP A 117 -44.27 -0.13 -3.48
C ASP A 117 -44.56 -1.57 -3.90
N GLU A 118 -44.63 -1.82 -5.20
CA GLU A 118 -45.05 -3.19 -5.63
C GLU A 118 -44.11 -4.30 -5.18
N ARG A 119 -42.81 -4.01 -5.21
CA ARG A 119 -41.82 -4.98 -4.79
C ARG A 119 -41.93 -5.25 -3.29
N GLY A 120 -42.17 -4.18 -2.53
CA GLY A 120 -42.43 -4.31 -1.11
C GLY A 120 -43.55 -5.26 -0.79
N THR A 121 -44.64 -5.21 -1.57
CA THR A 121 -45.75 -6.08 -1.27
C THR A 121 -45.36 -7.53 -1.49
N TYR A 122 -44.61 -7.76 -2.57
CA TYR A 122 -44.10 -9.10 -2.85
C TYR A 122 -43.19 -9.57 -1.70
N TYR A 123 -42.35 -8.69 -1.18
CA TYR A 123 -41.46 -9.07 -0.08
C TYR A 123 -42.21 -9.40 1.21
N ALA A 124 -43.34 -8.71 1.42
CA ALA A 124 -44.26 -9.01 2.52
C ALA A 124 -44.71 -10.42 2.41
N LEU A 125 -45.12 -10.81 1.20
CA LEU A 125 -45.58 -12.17 0.97
C LEU A 125 -44.50 -13.23 1.24
N GLN A 126 -43.25 -12.90 0.95
CA GLN A 126 -42.17 -13.88 1.10
C GLN A 126 -41.82 -14.06 2.58
N THR A 127 -41.91 -12.97 3.34
CA THR A 127 -41.81 -13.04 4.79
C THR A 127 -43.00 -13.79 5.40
N PHE A 128 -44.17 -13.55 4.86
CA PHE A 128 -45.40 -14.16 5.34
C PHE A 128 -45.37 -15.66 5.09
N ALA A 129 -44.75 -16.09 4.00
CA ALA A 129 -44.64 -17.50 3.65
C ALA A 129 -43.77 -18.27 4.65
N GLN A 130 -42.74 -17.62 5.17
CA GLN A 130 -41.86 -18.21 6.18
C GLN A 130 -42.50 -18.29 7.58
N LEU A 131 -43.54 -17.46 7.82
CA LEU A 131 -44.30 -17.50 9.09
C LEU A 131 -45.34 -18.60 9.15
N LEU A 132 -45.83 -19.01 8.02
CA LEU A 132 -46.85 -20.01 7.91
C LEU A 132 -46.26 -21.35 8.07
N LYS A 133 -46.58 -22.01 9.15
CA LYS A 133 -46.09 -23.33 9.38
C LYS A 133 -47.19 -24.20 9.94
N ASP A 134 -47.69 -25.09 9.09
CA ASP A 134 -48.77 -26.00 9.39
C ASP A 134 -50.07 -25.30 9.74
N GLY A 135 -50.47 -24.43 8.83
CA GLY A 135 -51.71 -23.72 8.89
C GLY A 135 -51.74 -22.79 10.04
N LYS A 136 -50.59 -22.49 10.60
CA LYS A 136 -50.58 -21.64 11.74
C LYS A 136 -49.66 -20.45 11.65
N LEU A 137 -50.17 -19.29 12.02
CA LEU A 137 -49.42 -18.08 11.97
C LEU A 137 -49.18 -17.56 13.34
N PRO A 138 -48.05 -16.95 13.57
CA PRO A 138 -47.83 -16.23 14.81
C PRO A 138 -48.44 -14.87 14.75
N GLU A 139 -48.66 -14.29 15.93
CA GLU A 139 -49.05 -12.91 16.06
C GLU A 139 -47.79 -12.09 16.06
N VAL A 140 -47.65 -11.26 15.05
CA VAL A 140 -46.49 -10.47 14.79
C VAL A 140 -46.85 -9.15 14.14
N GLU A 141 -45.95 -8.19 14.29
CA GLU A 141 -46.01 -6.97 13.58
C GLU A 141 -44.59 -6.67 13.09
N ILE A 142 -44.48 -6.49 11.78
CA ILE A 142 -43.21 -6.33 11.11
C ILE A 142 -43.16 -5.06 10.26
N LYS A 143 -42.10 -4.29 10.46
CA LYS A 143 -41.79 -3.20 9.56
C LYS A 143 -40.40 -3.53 9.03
N ASP A 144 -40.23 -3.51 7.71
CA ASP A 144 -39.05 -4.11 7.08
C ASP A 144 -38.70 -3.40 5.77
N TYR A 145 -37.46 -3.49 5.36
CA TYR A 145 -36.99 -2.77 4.19
C TYR A 145 -35.51 -3.17 4.10
N PRO A 146 -34.92 -3.09 2.90
CA PRO A 146 -33.54 -3.52 2.74
C PRO A 146 -32.59 -2.37 3.11
N SER A 147 -31.42 -2.67 3.66
CA SER A 147 -30.43 -1.59 3.96
C SER A 147 -29.54 -1.29 2.77
N VAL A 148 -29.54 -2.23 1.80
CA VAL A 148 -28.83 -2.06 0.55
C VAL A 148 -29.81 -2.14 -0.62
N ARG A 149 -29.69 -1.20 -1.54
CA ARG A 149 -30.66 -1.00 -2.61
C ARG A 149 -30.70 -2.18 -3.64
N TYR A 150 -29.54 -2.55 -4.16
CA TYR A 150 -29.45 -3.71 -5.11
C TYR A 150 -28.72 -4.88 -4.47
N ARG A 151 -29.39 -6.05 -4.48
CA ARG A 151 -28.86 -7.22 -3.82
C ARG A 151 -29.01 -8.41 -4.74
N GLY A 152 -27.93 -9.17 -4.94
CA GLY A 152 -28.09 -10.40 -5.68
C GLY A 152 -26.85 -11.08 -6.19
N VAL A 153 -27.00 -11.67 -7.37
CA VAL A 153 -25.98 -12.51 -7.97
C VAL A 153 -25.46 -11.96 -9.30
N VAL A 154 -24.14 -11.98 -9.49
CA VAL A 154 -23.59 -11.79 -10.80
C VAL A 154 -23.03 -13.11 -11.28
N GLU A 155 -23.66 -13.69 -12.30
CA GLU A 155 -23.09 -14.89 -12.89
C GLU A 155 -21.94 -14.40 -13.77
N GLY A 156 -20.77 -14.26 -13.18
CA GLY A 156 -19.66 -13.54 -13.85
C GLY A 156 -18.31 -14.21 -13.83
N PHE A 157 -18.33 -15.54 -13.64
CA PHE A 157 -17.12 -16.35 -13.44
C PHE A 157 -16.67 -17.00 -14.74
N TYR A 158 -15.43 -17.48 -14.76
CA TYR A 158 -14.90 -18.33 -15.85
C TYR A 158 -15.26 -19.77 -15.59
N GLY A 159 -15.38 -20.56 -16.66
CA GLY A 159 -15.86 -21.98 -16.49
C GLY A 159 -17.18 -22.20 -17.19
N THR A 160 -17.78 -23.38 -16.97
CA THR A 160 -19.00 -23.76 -17.67
C THR A 160 -20.13 -22.86 -17.17
N PRO A 161 -20.78 -22.11 -18.08
CA PRO A 161 -21.91 -21.25 -17.61
C PRO A 161 -23.06 -22.07 -17.02
N TRP A 162 -23.83 -21.50 -16.10
CA TRP A 162 -24.96 -22.21 -15.49
C TRP A 162 -25.87 -22.74 -16.53
N SER A 163 -26.49 -23.89 -16.29
CA SER A 163 -27.42 -24.42 -17.26
C SER A 163 -28.71 -23.61 -17.24
N HIS A 164 -29.51 -23.79 -18.28
CA HIS A 164 -30.77 -23.08 -18.35
C HIS A 164 -31.67 -23.43 -17.19
N GLN A 165 -31.73 -24.72 -16.85
CA GLN A 165 -32.60 -25.18 -15.77
C GLN A 165 -32.11 -24.63 -14.45
N ALA A 166 -30.80 -24.61 -14.29
CA ALA A 166 -30.21 -24.03 -13.10
C ALA A 166 -30.58 -22.55 -12.86
N ARG A 167 -30.50 -21.75 -13.92
CA ARG A 167 -30.88 -20.35 -13.86
C ARG A 167 -32.35 -20.19 -13.52
N LEU A 168 -33.21 -21.06 -14.07
CA LEU A 168 -34.61 -20.98 -13.74
C LEU A 168 -34.76 -21.14 -12.21
N SER A 169 -34.04 -22.12 -11.63
CA SER A 169 -34.06 -22.38 -10.18
C SER A 169 -33.51 -21.21 -9.38
N GLN A 170 -32.39 -20.64 -9.82
CA GLN A 170 -31.81 -19.47 -9.18
C GLN A 170 -32.81 -18.31 -9.03
N LEU A 171 -33.54 -18.00 -10.11
CA LEU A 171 -34.43 -16.83 -10.11
C LEU A 171 -35.56 -16.98 -9.10
N LYS A 172 -36.05 -18.20 -8.93
CA LYS A 172 -37.05 -18.46 -7.90
C LYS A 172 -36.46 -18.27 -6.51
N PHE A 173 -35.22 -18.73 -6.33
CA PHE A 173 -34.57 -18.69 -5.05
C PHE A 173 -34.36 -17.23 -4.69
N TYR A 174 -33.99 -16.39 -5.67
CA TYR A 174 -33.77 -14.96 -5.38
C TYR A 174 -35.06 -14.24 -4.91
N GLY A 175 -36.16 -14.45 -5.65
CA GLY A 175 -37.45 -13.95 -5.22
C GLY A 175 -37.69 -14.32 -3.76
N LYS A 176 -37.56 -15.60 -3.39
CA LYS A 176 -37.84 -16.07 -2.02
C LYS A 176 -36.97 -15.35 -0.99
N ASN A 177 -35.77 -14.93 -1.38
CA ASN A 177 -34.80 -14.33 -0.46
C ASN A 177 -34.61 -12.82 -0.64
N LYS A 178 -35.49 -12.19 -1.42
CA LYS A 178 -35.50 -10.70 -1.60
C LYS A 178 -34.23 -10.20 -2.30
N MET A 179 -33.68 -11.02 -3.19
CA MET A 179 -32.57 -10.52 -4.02
C MET A 179 -33.23 -9.95 -5.26
N ASN A 180 -32.91 -8.71 -5.60
CA ASN A 180 -33.67 -8.05 -6.72
C ASN A 180 -32.81 -7.93 -7.98
N THR A 181 -31.67 -8.61 -7.99
CA THR A 181 -30.68 -8.38 -9.06
C THR A 181 -30.01 -9.66 -9.53
N TYR A 182 -30.07 -9.93 -10.83
CA TYR A 182 -29.35 -11.05 -11.41
C TYR A 182 -28.61 -10.43 -12.55
N ILE A 183 -27.29 -10.39 -12.44
CA ILE A 183 -26.49 -9.92 -13.55
C ILE A 183 -25.94 -11.11 -14.32
N TYR A 184 -26.37 -11.22 -15.58
CA TYR A 184 -25.92 -12.25 -16.48
C TYR A 184 -24.66 -11.81 -17.15
N GLY A 185 -23.55 -12.52 -16.89
CA GLY A 185 -22.26 -12.23 -17.56
C GLY A 185 -21.22 -13.33 -17.52
N PRO A 186 -21.59 -14.57 -17.91
CA PRO A 186 -20.60 -15.69 -17.85
C PRO A 186 -19.46 -15.39 -18.82
N LYS A 187 -18.23 -15.35 -18.30
CA LYS A 187 -17.06 -15.00 -19.09
C LYS A 187 -16.87 -15.85 -20.34
N ASP A 188 -17.30 -17.10 -20.28
CA ASP A 188 -17.13 -17.99 -21.42
C ASP A 188 -18.37 -18.10 -22.34
N ASP A 189 -19.37 -17.25 -22.15
CA ASP A 189 -20.47 -17.16 -23.13
C ASP A 189 -19.97 -16.28 -24.31
N PRO A 190 -19.73 -16.86 -25.50
CA PRO A 190 -19.22 -16.12 -26.62
C PRO A 190 -20.09 -14.91 -27.08
N TYR A 191 -21.40 -14.91 -26.83
CA TYR A 191 -22.28 -13.76 -27.13
C TYR A 191 -22.20 -12.63 -26.10
N HIS A 192 -21.42 -12.88 -25.03
CA HIS A 192 -21.23 -11.90 -23.95
C HIS A 192 -19.85 -11.28 -24.10
N SER A 193 -18.88 -12.10 -24.47
CA SER A 193 -17.49 -11.62 -24.51
C SER A 193 -16.99 -11.59 -25.95
N ALA A 194 -15.66 -11.46 -26.13
CA ALA A 194 -15.08 -11.19 -27.45
C ALA A 194 -14.86 -12.50 -28.19
N PRO A 195 -15.09 -12.54 -29.52
CA PRO A 195 -15.56 -11.46 -30.40
C PRO A 195 -17.08 -11.43 -30.66
N ASN A 196 -17.76 -12.51 -30.29
CA ASN A 196 -19.19 -12.60 -30.64
C ASN A 196 -20.16 -11.79 -29.80
N TRP A 197 -19.62 -10.89 -28.95
CA TRP A 197 -20.49 -9.91 -28.27
C TRP A 197 -21.23 -9.03 -29.28
N ARG A 198 -20.64 -8.89 -30.47
CA ARG A 198 -21.25 -8.21 -31.61
C ARG A 198 -22.48 -8.90 -32.21
N LEU A 199 -22.54 -10.19 -32.09
CA LEU A 199 -23.60 -10.97 -32.72
C LEU A 199 -24.79 -11.14 -31.79
N PRO A 200 -26.02 -11.04 -32.31
CA PRO A 200 -27.20 -11.41 -31.52
C PRO A 200 -27.18 -12.91 -31.15
N TYR A 201 -27.76 -13.30 -30.02
CA TYR A 201 -27.86 -14.71 -29.66
C TYR A 201 -28.56 -15.53 -30.75
N PRO A 202 -28.16 -16.77 -30.98
CA PRO A 202 -28.93 -17.61 -31.89
C PRO A 202 -30.36 -17.80 -31.38
N ASP A 203 -31.29 -18.18 -32.24
CA ASP A 203 -32.68 -18.35 -31.78
C ASP A 203 -32.89 -19.12 -30.50
N LYS A 204 -32.26 -20.27 -30.39
CA LYS A 204 -32.44 -21.10 -29.19
C LYS A 204 -32.00 -20.41 -27.89
N GLU A 205 -30.79 -19.91 -27.84
CA GLU A 205 -30.34 -19.18 -26.66
C GLU A 205 -31.22 -17.96 -26.38
N ALA A 206 -31.71 -17.32 -27.44
CA ALA A 206 -32.55 -16.13 -27.34
C ALA A 206 -33.89 -16.40 -26.72
N ALA A 207 -34.52 -17.52 -27.09
CA ALA A 207 -35.77 -17.96 -26.48
C ALA A 207 -35.57 -18.38 -25.01
N GLN A 208 -34.40 -18.93 -24.69
CA GLN A 208 -34.07 -19.26 -23.32
C GLN A 208 -33.91 -17.95 -22.52
N LEU A 209 -33.16 -16.97 -23.05
CA LEU A 209 -33.03 -15.69 -22.33
C LEU A 209 -34.36 -14.96 -22.13
N GLN A 210 -35.20 -14.98 -23.17
CA GLN A 210 -36.53 -14.47 -23.10
C GLN A 210 -37.26 -15.11 -21.94
N GLU A 211 -37.17 -16.43 -21.82
CA GLU A 211 -37.80 -17.14 -20.70
C GLU A 211 -37.19 -16.73 -19.34
N LEU A 212 -35.85 -16.61 -19.25
CA LEU A 212 -35.24 -16.15 -18.00
C LEU A 212 -35.75 -14.77 -17.56
N VAL A 213 -35.76 -13.79 -18.45
CA VAL A 213 -36.40 -12.50 -18.17
C VAL A 213 -37.88 -12.66 -17.67
N ALA A 214 -38.69 -13.46 -18.34
CA ALA A 214 -40.10 -13.55 -17.89
C ALA A 214 -40.13 -14.07 -16.47
N VAL A 215 -39.31 -15.09 -16.20
CA VAL A 215 -39.21 -15.65 -14.84
C VAL A 215 -38.61 -14.68 -13.85
N ALA A 216 -37.58 -13.94 -14.28
CA ALA A 216 -37.03 -12.91 -13.38
C ALA A 216 -38.15 -11.95 -12.99
N ASN A 217 -38.87 -11.39 -13.97
CA ASN A 217 -39.89 -10.37 -13.70
C ASN A 217 -40.95 -10.86 -12.69
N GLU A 218 -41.30 -12.14 -12.77
CA GLU A 218 -42.31 -12.74 -11.87
C GLU A 218 -41.84 -12.93 -10.42
N ASN A 219 -40.53 -12.94 -10.21
CA ASN A 219 -39.95 -13.08 -8.88
C ASN A 219 -39.35 -11.78 -8.44
N GLU A 220 -39.72 -10.70 -9.13
CA GLU A 220 -39.25 -9.34 -8.84
C GLU A 220 -37.74 -9.12 -8.93
N VAL A 221 -37.08 -9.79 -9.88
CA VAL A 221 -35.61 -9.70 -10.00
C VAL A 221 -35.33 -8.90 -11.27
N ASP A 222 -34.48 -7.90 -11.16
CA ASP A 222 -34.00 -7.20 -12.35
C ASP A 222 -33.06 -8.16 -13.07
N PHE A 223 -33.43 -8.64 -14.26
CA PHE A 223 -32.44 -9.34 -15.10
C PHE A 223 -31.53 -8.28 -15.73
N VAL A 224 -30.26 -8.30 -15.38
CA VAL A 224 -29.36 -7.36 -15.92
C VAL A 224 -28.50 -8.08 -16.94
N TRP A 225 -28.64 -7.76 -18.23
CA TRP A 225 -27.73 -8.34 -19.24
C TRP A 225 -26.45 -7.50 -19.38
N ALA A 226 -25.33 -8.16 -19.13
CA ALA A 226 -23.99 -7.54 -19.20
C ALA A 226 -23.28 -7.92 -20.51
N ILE A 227 -22.35 -7.08 -20.96
CA ILE A 227 -21.59 -7.29 -22.15
C ILE A 227 -20.14 -7.00 -21.76
N HIS A 228 -19.21 -7.68 -22.41
CA HIS A 228 -17.82 -7.68 -22.01
C HIS A 228 -17.00 -7.51 -23.31
N PRO A 229 -16.99 -6.27 -23.84
CA PRO A 229 -16.47 -6.01 -25.19
C PRO A 229 -15.04 -5.51 -25.23
N GLY A 230 -14.47 -5.23 -24.06
CA GLY A 230 -13.23 -4.46 -23.97
C GLY A 230 -12.03 -4.98 -24.73
N GLN A 231 -11.89 -6.29 -24.81
CA GLN A 231 -10.61 -6.84 -25.28
C GLN A 231 -10.40 -6.50 -26.75
N ASP A 232 -11.48 -6.40 -27.53
CA ASP A 232 -11.28 -6.10 -28.94
C ASP A 232 -12.22 -4.97 -29.42
N ILE A 233 -12.73 -4.16 -28.51
CA ILE A 233 -13.55 -3.03 -28.93
C ILE A 233 -12.62 -2.01 -29.60
N LYS A 234 -13.07 -1.45 -30.72
CA LYS A 234 -12.44 -0.28 -31.30
C LYS A 234 -13.29 0.90 -30.87
N TRP A 235 -12.65 2.04 -30.60
CA TRP A 235 -13.38 3.23 -30.22
C TRP A 235 -13.84 3.99 -31.50
N ASN A 236 -14.60 3.32 -32.38
CA ASN A 236 -15.13 3.96 -33.61
C ASN A 236 -16.67 3.91 -33.55
N LYS A 237 -17.35 4.53 -34.53
CA LYS A 237 -18.79 4.44 -34.61
C LYS A 237 -19.28 3.04 -34.91
N GLU A 238 -18.57 2.28 -35.73
CA GLU A 238 -19.04 0.94 -36.05
C GLU A 238 -19.26 0.05 -34.80
N ASP A 239 -18.29 0.04 -33.88
CA ASP A 239 -18.38 -0.83 -32.69
C ASP A 239 -19.42 -0.32 -31.67
N ARG A 240 -19.46 0.99 -31.49
CA ARG A 240 -20.44 1.65 -30.67
C ARG A 240 -21.86 1.27 -31.15
N ASP A 241 -22.16 1.42 -32.45
CA ASP A 241 -23.51 1.00 -32.91
C ASP A 241 -23.76 -0.50 -32.81
N LEU A 242 -22.74 -1.32 -33.04
CA LEU A 242 -22.96 -2.75 -32.86
C LEU A 242 -23.30 -3.07 -31.40
N LEU A 243 -22.71 -2.38 -30.46
CA LEU A 243 -22.98 -2.58 -29.04
C LEU A 243 -24.42 -2.17 -28.75
N LEU A 244 -24.78 -0.97 -29.22
CA LEU A 244 -26.17 -0.48 -29.05
C LEU A 244 -27.14 -1.35 -29.80
N ALA A 245 -26.75 -1.86 -30.96
CA ALA A 245 -27.58 -2.81 -31.70
C ALA A 245 -27.81 -4.10 -30.89
N LYS A 246 -26.75 -4.58 -30.24
CA LYS A 246 -26.90 -5.74 -29.34
C LYS A 246 -27.80 -5.46 -28.12
N PHE A 247 -27.60 -4.32 -27.48
CA PHE A 247 -28.46 -3.91 -26.35
C PHE A 247 -29.89 -3.83 -26.83
N GLU A 248 -30.11 -3.24 -28.01
CA GLU A 248 -31.46 -3.24 -28.61
C GLU A 248 -32.04 -4.63 -28.80
N LYS A 249 -31.22 -5.59 -29.30
CA LYS A 249 -31.72 -6.96 -29.45
C LYS A 249 -32.09 -7.54 -28.09
N MET A 250 -31.25 -7.35 -27.08
CA MET A 250 -31.61 -7.81 -25.72
C MET A 250 -32.88 -7.14 -25.18
N TYR A 251 -33.03 -5.83 -25.45
CA TYR A 251 -34.29 -5.12 -25.11
C TYR A 251 -35.57 -5.82 -25.73
N GLN A 252 -35.43 -6.24 -26.97
CA GLN A 252 -36.52 -6.99 -27.65
C GLN A 252 -36.90 -8.30 -26.94
N LEU A 253 -35.93 -8.90 -26.26
CA LEU A 253 -36.05 -10.13 -25.47
C LEU A 253 -36.66 -9.91 -24.09
N GLY A 254 -36.86 -8.64 -23.73
CA GLY A 254 -37.51 -8.23 -22.51
C GLY A 254 -36.56 -7.65 -21.48
N VAL A 255 -35.27 -7.64 -21.78
CA VAL A 255 -34.28 -7.12 -20.84
C VAL A 255 -34.52 -5.66 -20.61
N ARG A 256 -34.47 -5.22 -19.33
CA ARG A 256 -34.62 -3.83 -18.94
C ARG A 256 -33.48 -3.22 -18.09
N SER A 257 -32.46 -3.99 -17.78
CA SER A 257 -31.27 -3.37 -17.17
C SER A 257 -30.05 -3.95 -17.90
N PHE A 258 -28.95 -3.20 -17.90
CA PHE A 258 -27.85 -3.47 -18.80
C PHE A 258 -26.54 -3.19 -18.06
N ALA A 259 -25.47 -3.93 -18.39
CA ALA A 259 -24.15 -3.56 -17.83
C ALA A 259 -23.09 -3.67 -18.88
N VAL A 260 -22.00 -2.92 -18.73
CA VAL A 260 -20.85 -3.07 -19.60
C VAL A 260 -19.69 -3.43 -18.68
N PHE A 261 -19.03 -4.55 -18.95
CA PHE A 261 -17.91 -4.95 -18.07
C PHE A 261 -16.58 -4.73 -18.77
N PHE A 262 -15.62 -4.13 -18.08
CA PHE A 262 -14.24 -3.97 -18.62
C PHE A 262 -13.17 -4.66 -17.75
N ASP A 263 -13.52 -5.75 -17.07
CA ASP A 263 -12.64 -6.47 -16.15
C ASP A 263 -11.77 -7.50 -16.89
N ASP A 264 -10.50 -7.60 -16.50
CA ASP A 264 -9.55 -8.64 -17.00
C ASP A 264 -9.28 -8.50 -18.48
N ILE A 265 -9.04 -7.28 -18.94
CA ILE A 265 -8.69 -7.01 -20.35
C ILE A 265 -7.39 -6.19 -20.39
N SER A 266 -6.83 -6.06 -21.59
CA SER A 266 -5.69 -5.17 -21.82
C SER A 266 -5.91 -4.41 -23.13
N GLY A 267 -5.07 -3.41 -23.36
CA GLY A 267 -5.08 -2.68 -24.61
C GLY A 267 -5.99 -1.49 -24.51
N GLU A 268 -6.52 -1.09 -25.68
CA GLU A 268 -7.17 0.21 -25.87
C GLU A 268 -8.47 0.32 -25.13
N GLY A 269 -9.11 -0.84 -24.98
CA GLY A 269 -10.37 -0.99 -24.24
C GLY A 269 -10.20 -0.56 -22.78
N THR A 270 -8.94 -0.42 -22.31
CA THR A 270 -8.73 -0.03 -20.88
C THR A 270 -8.78 1.49 -20.67
N ASN A 271 -8.95 2.25 -21.75
CA ASN A 271 -8.97 3.73 -21.70
C ASN A 271 -10.19 4.31 -20.92
N PRO A 272 -9.91 5.03 -19.81
CA PRO A 272 -10.98 5.47 -18.91
C PRO A 272 -11.90 6.56 -19.52
N GLN A 273 -11.30 7.47 -20.29
CA GLN A 273 -12.06 8.51 -20.97
C GLN A 273 -13.05 7.89 -21.97
N LYS A 274 -12.57 6.98 -22.82
CA LYS A 274 -13.40 6.29 -23.80
C LYS A 274 -14.50 5.42 -23.18
N GLN A 275 -14.14 4.73 -22.10
CA GLN A 275 -15.09 3.88 -21.39
C GLN A 275 -16.27 4.71 -20.92
N ALA A 276 -15.96 5.82 -20.24
CA ALA A 276 -16.95 6.75 -19.72
C ALA A 276 -17.84 7.36 -20.83
N GLU A 277 -17.23 7.74 -21.95
CA GLU A 277 -17.97 8.33 -23.08
C GLU A 277 -18.96 7.30 -23.65
N LEU A 278 -18.49 6.07 -23.78
CA LEU A 278 -19.37 4.98 -24.27
C LEU A 278 -20.55 4.78 -23.32
N LEU A 279 -20.25 4.69 -22.02
CA LEU A 279 -21.28 4.55 -21.00
C LEU A 279 -22.27 5.71 -20.96
N ASN A 280 -21.76 6.93 -21.07
CA ASN A 280 -22.64 8.12 -21.10
C ASN A 280 -23.50 8.16 -22.36
N TYR A 281 -22.93 7.67 -23.45
CA TYR A 281 -23.63 7.59 -24.70
C TYR A 281 -24.76 6.54 -24.59
N ILE A 282 -24.47 5.37 -24.00
CA ILE A 282 -25.52 4.33 -23.79
C ILE A 282 -26.58 4.94 -22.88
N ASP A 283 -26.14 5.66 -21.84
CA ASP A 283 -27.05 6.34 -20.91
C ASP A 283 -27.98 7.32 -21.65
N GLU A 284 -27.38 8.24 -22.38
CA GLU A 284 -28.13 9.32 -23.03
C GLU A 284 -28.93 8.87 -24.24
N LYS A 285 -28.40 7.96 -25.04
CA LYS A 285 -29.09 7.57 -26.25
C LYS A 285 -29.96 6.32 -26.10
N PHE A 286 -29.94 5.68 -24.94
CA PHE A 286 -30.61 4.40 -24.80
C PHE A 286 -31.28 4.27 -23.42
N ALA A 287 -30.50 4.30 -22.34
CA ALA A 287 -31.11 4.08 -21.02
C ALA A 287 -32.15 5.20 -20.69
N GLN A 288 -31.79 6.45 -21.04
CA GLN A 288 -32.61 7.63 -20.68
C GLN A 288 -33.61 7.92 -21.79
N VAL A 289 -33.72 7.02 -22.79
CA VAL A 289 -34.58 7.21 -23.97
C VAL A 289 -35.73 6.18 -24.09
N LYS A 290 -35.47 4.92 -23.70
CA LYS A 290 -36.51 3.90 -23.53
C LYS A 290 -37.51 4.29 -22.45
N PRO A 291 -38.73 3.72 -22.49
CA PRO A 291 -39.75 4.06 -21.48
C PRO A 291 -39.47 3.53 -20.07
N ASP A 292 -38.74 2.40 -19.98
CA ASP A 292 -38.78 1.54 -18.79
C ASP A 292 -37.43 0.88 -18.45
N ILE A 293 -36.32 1.54 -18.71
CA ILE A 293 -35.02 0.97 -18.28
C ILE A 293 -34.65 1.27 -16.81
N ASN A 294 -34.11 0.25 -16.13
CA ASN A 294 -33.95 0.30 -14.69
C ASN A 294 -32.50 0.56 -14.30
N GLN A 295 -31.64 -0.48 -14.28
CA GLN A 295 -30.23 -0.32 -13.86
C GLN A 295 -29.31 -0.17 -15.09
N LEU A 296 -28.31 0.68 -14.95
CA LEU A 296 -27.23 0.71 -15.90
C LEU A 296 -25.94 0.70 -15.06
N VAL A 297 -25.11 -0.33 -15.28
CA VAL A 297 -24.00 -0.64 -14.39
C VAL A 297 -22.78 -0.87 -15.22
N MET A 298 -21.60 -0.45 -14.73
CA MET A 298 -20.33 -0.84 -15.37
C MET A 298 -19.29 -1.40 -14.36
N CYS A 299 -18.37 -2.23 -14.86
CA CYS A 299 -17.29 -2.78 -14.08
C CYS A 299 -15.98 -2.28 -14.64
N PRO A 300 -15.19 -1.59 -13.80
CA PRO A 300 -13.95 -0.94 -14.26
C PRO A 300 -12.78 -1.91 -14.54
N THR A 301 -11.80 -1.48 -15.32
CA THR A 301 -10.63 -2.30 -15.54
C THR A 301 -9.85 -2.36 -14.24
N GLU A 302 -9.80 -1.22 -13.55
CA GLU A 302 -9.31 -1.16 -12.16
C GLU A 302 -10.46 -1.47 -11.20
N TYR A 303 -10.66 -2.76 -10.95
CA TYR A 303 -11.81 -3.14 -10.16
C TYR A 303 -11.53 -3.53 -8.70
N ASN A 304 -10.27 -3.44 -8.27
CA ASN A 304 -9.99 -3.57 -6.87
C ASN A 304 -8.70 -2.75 -6.59
N LYS A 305 -8.45 -2.41 -5.34
CA LYS A 305 -7.35 -1.48 -4.99
C LYS A 305 -6.00 -1.93 -5.49
N SER A 306 -5.66 -3.21 -5.31
CA SER A 306 -4.35 -3.72 -5.75
C SER A 306 -4.17 -3.64 -7.27
N TRP A 307 -5.27 -3.55 -7.99
CA TRP A 307 -5.25 -3.52 -9.46
C TRP A 307 -5.46 -2.10 -9.95
N SER A 308 -5.52 -1.17 -9.00
CA SER A 308 -5.64 0.24 -9.30
CA SER A 308 -5.63 0.24 -9.30
C SER A 308 -4.28 0.91 -9.24
N ASN A 309 -4.13 2.00 -9.98
CA ASN A 309 -2.92 2.80 -9.91
C ASN A 309 -3.22 4.05 -9.10
N PRO A 310 -2.70 4.12 -7.89
CA PRO A 310 -3.13 5.25 -7.07
C PRO A 310 -2.57 6.57 -7.63
N ASN A 311 -1.58 6.46 -8.53
CA ASN A 311 -0.91 7.62 -9.19
C ASN A 311 -1.31 7.80 -10.64
N GLY A 312 -2.27 6.99 -11.10
CA GLY A 312 -2.68 7.03 -12.49
C GLY A 312 -4.04 7.69 -12.54
N ASN A 313 -4.57 7.95 -13.70
CA ASN A 313 -5.78 8.79 -13.71
C ASN A 313 -7.06 8.00 -13.84
N TYR A 314 -6.95 6.66 -13.82
CA TYR A 314 -8.07 5.83 -14.29
C TYR A 314 -9.34 6.00 -13.43
N LEU A 315 -9.22 5.89 -12.11
CA LEU A 315 -10.48 5.83 -11.34
C LEU A 315 -11.16 7.18 -11.17
N THR A 316 -10.32 8.21 -11.02
CA THR A 316 -10.80 9.59 -10.86
C THR A 316 -11.48 10.04 -12.17
N THR A 317 -10.91 9.71 -13.33
CA THR A 317 -11.54 9.98 -14.60
C THR A 317 -12.95 9.38 -14.58
N LEU A 318 -13.07 8.09 -14.28
CA LEU A 318 -14.41 7.48 -14.18
C LEU A 318 -15.35 8.21 -13.21
N GLY A 319 -14.85 8.52 -12.03
CA GLY A 319 -15.65 9.17 -11.01
C GLY A 319 -16.16 10.54 -11.42
N ASP A 320 -15.29 11.30 -12.11
CA ASP A 320 -15.59 12.64 -12.60
C ASP A 320 -16.44 12.65 -13.85
N LYS A 321 -16.13 11.78 -14.80
CA LYS A 321 -16.79 11.79 -16.11
C LYS A 321 -18.09 10.98 -16.22
N LEU A 322 -18.19 9.80 -15.58
CA LEU A 322 -19.42 8.97 -15.68
C LEU A 322 -20.65 9.63 -15.13
N ASN A 323 -21.77 9.57 -15.87
CA ASN A 323 -23.04 10.17 -15.46
C ASN A 323 -23.38 9.65 -14.07
N PRO A 324 -24.03 10.48 -13.27
CA PRO A 324 -24.27 10.08 -11.87
C PRO A 324 -25.27 8.92 -11.62
N SER A 325 -26.03 8.49 -12.60
CA SER A 325 -26.93 7.35 -12.33
C SER A 325 -26.29 6.01 -12.69
N ILE A 326 -25.13 6.05 -13.30
CA ILE A 326 -24.45 4.83 -13.72
C ILE A 326 -23.69 4.21 -12.52
N GLN A 327 -23.92 2.94 -12.28
CA GLN A 327 -23.21 2.28 -11.18
C GLN A 327 -21.74 1.89 -11.55
N ILE A 328 -20.88 1.85 -10.53
CA ILE A 328 -19.53 1.41 -10.72
C ILE A 328 -19.27 0.27 -9.70
N MET A 329 -18.79 -0.84 -10.25
CA MET A 329 -18.57 -2.06 -9.50
C MET A 329 -17.15 -2.10 -8.92
N TRP A 330 -16.98 -2.90 -7.85
CA TRP A 330 -15.75 -2.93 -7.09
C TRP A 330 -15.70 -4.24 -6.32
N THR A 331 -14.53 -4.90 -6.33
CA THR A 331 -14.33 -6.21 -5.63
C THR A 331 -13.57 -6.05 -4.31
N GLY A 332 -13.04 -4.86 -4.03
CA GLY A 332 -12.49 -4.58 -2.70
C GLY A 332 -11.02 -4.31 -2.85
N ASP A 333 -10.25 -4.71 -1.83
CA ASP A 333 -8.81 -4.33 -1.80
C ASP A 333 -8.02 -5.20 -2.72
N ARG A 334 -8.57 -6.38 -3.05
CA ARG A 334 -7.89 -7.33 -3.92
C ARG A 334 -8.92 -7.99 -4.83
N VAL A 335 -8.45 -8.72 -5.85
CA VAL A 335 -9.34 -9.43 -6.76
C VAL A 335 -10.33 -10.22 -5.91
N ILE A 336 -9.81 -10.99 -4.94
CA ILE A 336 -10.69 -11.66 -3.99
C ILE A 336 -10.55 -11.04 -2.60
N SER A 337 -11.61 -10.41 -2.08
CA SER A 337 -11.52 -9.78 -0.75
C SER A 337 -12.84 -9.45 -0.10
N ASP A 338 -12.80 -9.30 1.21
CA ASP A 338 -13.96 -8.96 1.99
C ASP A 338 -14.00 -7.43 2.07
N ILE A 339 -15.16 -6.87 2.36
CA ILE A 339 -15.39 -5.44 2.14
C ILE A 339 -15.21 -4.76 3.47
N THR A 340 -14.24 -3.84 3.58
CA THR A 340 -14.03 -3.13 4.85
C THR A 340 -14.44 -1.68 4.75
N ARG A 341 -14.68 -1.05 5.90
CA ARG A 341 -15.00 0.39 5.93
C ARG A 341 -13.93 1.24 5.26
N ASP A 342 -12.67 1.06 5.62
CA ASP A 342 -11.64 1.80 4.94
C ASP A 342 -11.53 1.46 3.47
N GLY A 343 -11.85 0.23 3.12
CA GLY A 343 -11.61 -0.18 1.74
C GLY A 343 -12.61 0.52 0.84
N ILE A 344 -13.86 0.56 1.26
CA ILE A 344 -14.89 1.13 0.45
C ILE A 344 -14.85 2.67 0.47
N SER A 345 -14.40 3.25 1.59
CA SER A 345 -14.12 4.70 1.66
C SER A 345 -13.13 5.02 0.59
N TRP A 346 -12.12 4.18 0.48
CA TRP A 346 -11.08 4.47 -0.45
C TRP A 346 -11.64 4.57 -1.88
N ILE A 347 -12.43 3.57 -2.29
CA ILE A 347 -13.00 3.64 -3.63
C ILE A 347 -14.08 4.74 -3.77
N ASN A 348 -14.98 4.85 -2.79
CA ASN A 348 -16.06 5.83 -2.89
C ASN A 348 -15.55 7.28 -3.12
N GLU A 349 -14.42 7.61 -2.48
CA GLU A 349 -13.81 8.93 -2.58
C GLU A 349 -13.23 9.22 -3.99
N ARG A 350 -12.96 8.19 -4.79
CA ARG A 350 -12.43 8.42 -6.12
C ARG A 350 -13.48 8.39 -7.22
N ILE A 351 -14.51 7.54 -7.03
CA ILE A 351 -15.53 7.33 -8.05
C ILE A 351 -16.73 8.26 -7.84
N LYS A 352 -16.76 8.92 -6.69
CA LYS A 352 -17.73 9.97 -6.32
C LYS A 352 -19.17 9.47 -6.18
N ARG A 353 -19.35 8.21 -5.80
CA ARG A 353 -20.70 7.63 -5.58
C ARG A 353 -20.44 6.34 -4.76
N PRO A 354 -21.47 5.74 -4.14
CA PRO A 354 -21.18 4.54 -3.38
C PRO A 354 -20.98 3.36 -4.35
N ALA A 355 -19.86 2.67 -4.21
CA ALA A 355 -19.56 1.48 -5.01
C ALA A 355 -20.69 0.46 -4.98
N TYR A 356 -20.80 -0.29 -6.06
CA TYR A 356 -21.75 -1.36 -6.25
C TYR A 356 -20.90 -2.63 -6.13
N ILE A 357 -20.95 -3.30 -4.98
CA ILE A 357 -19.96 -4.37 -4.69
C ILE A 357 -20.22 -5.66 -5.50
N TRP A 358 -19.18 -6.14 -6.17
CA TRP A 358 -19.08 -7.45 -6.79
C TRP A 358 -18.20 -8.25 -5.84
N TRP A 359 -18.80 -9.12 -5.06
CA TRP A 359 -18.01 -9.88 -4.06
C TRP A 359 -17.59 -11.23 -4.61
N ASN A 360 -16.27 -11.44 -4.70
CA ASN A 360 -15.75 -12.68 -5.33
C ASN A 360 -15.73 -13.89 -4.42
N PHE A 361 -16.89 -14.28 -3.89
CA PHE A 361 -17.05 -15.51 -3.11
C PHE A 361 -18.54 -15.86 -3.28
N PRO A 362 -18.87 -17.13 -3.52
CA PRO A 362 -17.94 -18.29 -3.46
C PRO A 362 -17.30 -18.74 -4.78
N VAL A 363 -17.27 -17.87 -5.79
CA VAL A 363 -16.55 -18.21 -7.04
C VAL A 363 -15.25 -19.03 -6.80
N SER A 364 -15.12 -20.14 -7.53
CA SER A 364 -14.01 -21.06 -7.27
C SER A 364 -13.32 -21.34 -8.59
N ASP A 365 -13.35 -20.40 -9.53
CA ASP A 365 -12.84 -20.65 -10.92
C ASP A 365 -11.33 -20.62 -10.98
N TYR A 366 -10.70 -20.34 -9.84
CA TYR A 366 -9.24 -20.34 -9.74
C TYR A 366 -8.76 -21.42 -8.73
N VAL A 367 -9.70 -22.17 -8.16
CA VAL A 367 -9.48 -23.31 -7.27
C VAL A 367 -10.58 -24.35 -7.60
N ARG A 368 -10.56 -24.75 -8.88
CA ARG A 368 -11.65 -25.53 -9.46
C ARG A 368 -11.77 -26.91 -8.88
N ASP A 369 -10.70 -27.32 -8.19
CA ASP A 369 -10.73 -28.62 -7.49
C ASP A 369 -11.31 -28.61 -6.08
N HIS A 370 -11.77 -27.45 -5.62
CA HIS A 370 -12.44 -27.28 -4.33
C HIS A 370 -13.85 -26.81 -4.51
N LEU A 371 -14.68 -27.23 -3.57
CA LEU A 371 -16.02 -26.67 -3.37
C LEU A 371 -15.88 -25.73 -2.17
N LEU A 372 -16.54 -24.56 -2.27
CA LEU A 372 -16.50 -23.59 -1.17
C LEU A 372 -17.92 -23.48 -0.57
N LEU A 373 -18.17 -24.31 0.44
CA LEU A 373 -19.50 -24.51 0.95
C LEU A 373 -19.56 -23.91 2.36
N GLY A 374 -18.51 -23.13 2.79
CA GLY A 374 -18.60 -22.56 4.15
C GLY A 374 -19.57 -21.37 4.28
N PRO A 375 -19.73 -20.82 5.50
CA PRO A 375 -20.51 -19.57 5.72
C PRO A 375 -19.91 -18.32 5.01
N VAL A 376 -20.76 -17.33 4.82
CA VAL A 376 -20.42 -16.04 4.31
C VAL A 376 -20.05 -15.14 5.49
N TYR A 377 -18.79 -14.68 5.52
CA TYR A 377 -18.38 -13.82 6.61
C TYR A 377 -17.24 -12.90 6.16
N GLY A 378 -16.92 -11.90 6.98
CA GLY A 378 -15.75 -11.05 6.74
C GLY A 378 -16.02 -9.62 6.24
N ASN A 379 -17.23 -9.40 5.75
CA ASN A 379 -17.68 -8.11 5.23
C ASN A 379 -18.21 -7.24 6.35
N ASP A 380 -17.74 -5.99 6.39
CA ASP A 380 -18.21 -5.09 7.46
C ASP A 380 -19.74 -4.97 7.42
N THR A 381 -20.37 -5.05 8.57
CA THR A 381 -21.80 -5.05 8.64
C THR A 381 -22.39 -3.65 9.06
N THR A 382 -21.56 -2.60 9.06
CA THR A 382 -22.04 -1.26 9.47
C THR A 382 -21.95 -0.27 8.28
N ILE A 383 -21.52 -0.76 7.09
CA ILE A 383 -21.20 0.11 5.95
C ILE A 383 -22.31 0.14 4.86
N ALA A 384 -23.55 -0.24 5.19
CA ALA A 384 -24.58 -0.28 4.17
C ALA A 384 -24.71 1.03 3.36
N LYS A 385 -24.64 2.16 4.07
CA LYS A 385 -24.86 3.47 3.44
C LYS A 385 -23.79 3.76 2.43
N GLU A 386 -22.66 3.05 2.52
CA GLU A 386 -21.49 3.30 1.68
C GLU A 386 -21.52 2.45 0.43
N MET A 387 -22.57 1.64 0.27
CA MET A 387 -22.64 0.81 -0.93
C MET A 387 -23.98 0.94 -1.64
N SER A 388 -23.94 1.01 -2.97
CA SER A 388 -25.14 1.10 -3.81
C SER A 388 -25.77 -0.28 -3.99
N GLY A 389 -24.90 -1.28 -4.02
CA GLY A 389 -25.22 -2.63 -4.42
C GLY A 389 -24.30 -3.65 -3.75
N PHE A 390 -24.79 -4.88 -3.63
CA PHE A 390 -23.95 -6.00 -3.20
C PHE A 390 -24.38 -7.25 -3.95
N VAL A 391 -23.50 -7.68 -4.85
CA VAL A 391 -23.68 -8.96 -5.52
C VAL A 391 -22.53 -9.93 -5.31
N THR A 392 -22.92 -11.20 -5.29
CA THR A 392 -22.03 -12.35 -5.12
C THR A 392 -21.71 -13.00 -6.48
N ASN A 393 -20.41 -13.15 -6.78
CA ASN A 393 -19.98 -13.99 -7.91
C ASN A 393 -19.82 -15.48 -7.43
N PRO A 394 -20.63 -16.43 -7.95
CA PRO A 394 -20.61 -17.75 -7.29
C PRO A 394 -19.80 -18.81 -8.04
N MET A 395 -19.86 -20.07 -7.61
CA MET A 395 -19.16 -21.15 -8.32
C MET A 395 -19.95 -21.50 -9.58
N GLU A 396 -19.29 -22.12 -10.55
CA GLU A 396 -20.00 -22.77 -11.65
C GLU A 396 -21.00 -23.83 -11.18
N HIS A 397 -20.88 -24.29 -9.93
CA HIS A 397 -21.86 -25.19 -9.32
C HIS A 397 -23.02 -24.40 -8.70
N ALA A 398 -24.12 -24.30 -9.47
CA ALA A 398 -25.23 -23.41 -9.18
C ALA A 398 -25.97 -23.81 -7.92
N GLU A 399 -26.39 -25.07 -7.75
CA GLU A 399 -27.10 -25.43 -6.48
C GLU A 399 -26.23 -25.28 -5.24
N SER A 400 -24.96 -25.70 -5.33
CA SER A 400 -24.02 -25.61 -4.22
C SER A 400 -23.78 -24.17 -3.75
N SER A 401 -24.00 -23.23 -4.67
CA SER A 401 -23.72 -21.80 -4.44
C SER A 401 -24.84 -21.20 -3.64
N LYS A 402 -25.97 -21.90 -3.57
CA LYS A 402 -27.10 -21.38 -2.84
C LYS A 402 -26.88 -21.17 -1.33
N ILE A 403 -25.96 -21.93 -0.72
CA ILE A 403 -25.58 -21.68 0.64
C ILE A 403 -25.02 -20.22 0.74
N ALA A 404 -24.02 -19.88 -0.08
CA ALA A 404 -23.47 -18.53 0.02
C ALA A 404 -24.51 -17.49 -0.41
N ILE A 405 -25.34 -17.86 -1.39
CA ILE A 405 -26.26 -16.87 -1.98
C ILE A 405 -27.34 -16.50 -1.01
N TYR A 406 -27.91 -17.50 -0.34
CA TYR A 406 -28.96 -17.29 0.67
C TYR A 406 -28.42 -16.39 1.79
N SER A 407 -27.12 -16.54 2.08
CA SER A 407 -26.42 -15.82 3.12
C SER A 407 -26.08 -14.38 2.74
N VAL A 408 -25.64 -14.19 1.52
CA VAL A 408 -25.56 -12.88 0.95
C VAL A 408 -26.93 -12.18 0.88
N ALA A 409 -28.01 -12.87 0.55
CA ALA A 409 -29.29 -12.21 0.54
C ALA A 409 -29.63 -11.66 1.95
N SER A 410 -29.28 -12.44 2.96
CA SER A 410 -29.54 -12.04 4.34
C SER A 410 -28.55 -10.91 4.76
N TYR A 411 -27.30 -11.04 4.37
CA TYR A 411 -26.40 -9.98 4.73
C TYR A 411 -26.79 -8.65 4.10
N ALA A 412 -27.10 -8.65 2.80
CA ALA A 412 -27.38 -7.40 2.12
C ALA A 412 -28.69 -6.75 2.56
N TRP A 413 -29.70 -7.57 2.91
CA TRP A 413 -30.98 -7.02 3.37
C TRP A 413 -30.92 -6.40 4.75
N ASN A 414 -30.25 -7.08 5.69
CA ASN A 414 -30.14 -6.60 7.08
C ASN A 414 -28.71 -6.81 7.58
N PRO A 415 -27.75 -6.03 7.10
CA PRO A 415 -26.41 -6.27 7.62
C PRO A 415 -26.29 -6.12 9.12
N ALA A 416 -27.00 -5.14 9.71
CA ALA A 416 -26.91 -4.87 11.17
C ALA A 416 -27.15 -6.15 11.94
N LYS A 417 -28.19 -6.91 11.58
CA LYS A 417 -28.51 -8.17 12.26
C LYS A 417 -27.87 -9.44 11.61
N TYR A 418 -26.91 -9.30 10.71
CA TYR A 418 -26.41 -10.47 9.99
C TYR A 418 -25.66 -11.46 10.93
N ASP A 419 -26.13 -12.72 10.90
CA ASP A 419 -25.63 -13.79 11.76
C ASP A 419 -25.04 -14.92 10.89
N THR A 420 -23.70 -15.01 10.87
CA THR A 420 -22.96 -15.83 9.92
C THR A 420 -23.33 -17.31 9.97
N TRP A 421 -23.18 -17.89 11.16
CA TRP A 421 -23.38 -19.31 11.37
C TRP A 421 -24.85 -19.68 11.31
N GLN A 422 -25.72 -18.90 11.93
CA GLN A 422 -27.15 -19.27 11.91
C GLN A 422 -27.72 -19.19 10.50
N THR A 423 -27.26 -18.22 9.72
CA THR A 423 -27.70 -18.05 8.29
C THR A 423 -27.20 -19.22 7.42
N TRP A 424 -25.93 -19.59 7.59
CA TRP A 424 -25.36 -20.82 6.96
C TRP A 424 -26.23 -22.04 7.24
N LYS A 425 -26.58 -22.25 8.50
CA LYS A 425 -27.44 -23.41 8.88
C LYS A 425 -28.85 -23.34 8.29
N ASP A 426 -29.47 -22.16 8.39
CA ASP A 426 -30.75 -21.89 7.73
C ASP A 426 -30.70 -22.14 6.19
N ALA A 427 -29.64 -21.64 5.55
CA ALA A 427 -29.49 -21.86 4.10
C ALA A 427 -29.55 -23.40 3.80
N ILE A 428 -28.76 -24.16 4.57
CA ILE A 428 -28.59 -25.61 4.34
C ILE A 428 -29.90 -26.39 4.53
N ARG A 429 -30.62 -26.02 5.59
CA ARG A 429 -31.88 -26.62 5.94
C ARG A 429 -32.92 -26.18 4.95
N THR A 430 -32.74 -24.98 4.39
CA THR A 430 -33.56 -24.56 3.24
C THR A 430 -33.36 -25.40 1.96
N ILE A 431 -32.11 -25.61 1.63
CA ILE A 431 -31.71 -26.26 0.41
C ILE A 431 -31.96 -27.78 0.48
N LEU A 432 -31.82 -28.36 1.66
CA LEU A 432 -31.86 -29.82 1.73
C LEU A 432 -32.43 -30.26 3.05
N PRO A 433 -33.70 -29.89 3.29
CA PRO A 433 -34.33 -30.18 4.56
C PRO A 433 -34.32 -31.68 4.89
N SER A 434 -34.35 -32.54 3.86
CA SER A 434 -34.41 -34.01 4.08
C SER A 434 -33.11 -34.53 4.64
N ALA A 435 -32.02 -33.78 4.48
CA ALA A 435 -30.72 -34.24 4.99
C ALA A 435 -29.78 -33.08 5.38
N ALA A 436 -30.29 -32.13 6.19
CA ALA A 436 -29.57 -30.90 6.56
C ALA A 436 -28.28 -31.14 7.37
N GLU A 437 -28.34 -32.02 8.35
CA GLU A 437 -27.15 -32.28 9.18
C GLU A 437 -26.06 -32.93 8.34
N GLU A 438 -26.47 -33.80 7.41
CA GLU A 438 -25.53 -34.49 6.54
C GLU A 438 -24.85 -33.47 5.65
N LEU A 439 -25.63 -32.52 5.12
CA LEU A 439 -25.06 -31.49 4.23
C LEU A 439 -24.18 -30.53 5.06
N GLU A 440 -24.62 -30.17 6.27
CA GLU A 440 -23.81 -29.42 7.23
C GLU A 440 -22.48 -30.07 7.44
N CYS A 441 -22.51 -31.40 7.66
CA CYS A 441 -21.27 -32.16 7.90
C CYS A 441 -20.36 -31.99 6.68
N PHE A 442 -20.87 -32.25 5.49
CA PHE A 442 -20.06 -32.14 4.27
C PHE A 442 -19.58 -30.71 4.09
N ALA A 443 -20.49 -29.74 4.24
CA ALA A 443 -20.12 -28.30 4.03
C ALA A 443 -19.04 -27.82 4.98
N MET A 444 -19.09 -28.27 6.24
CA MET A 444 -18.14 -27.68 7.17
CA MET A 444 -18.14 -27.85 7.30
C MET A 444 -16.68 -28.14 6.96
N HIS A 445 -16.48 -29.24 6.23
CA HIS A 445 -15.15 -29.73 5.85
C HIS A 445 -14.82 -29.50 4.41
N ASN A 446 -15.63 -28.64 3.75
CA ASN A 446 -15.37 -28.26 2.38
C ASN A 446 -15.59 -26.77 2.24
N SER A 447 -14.63 -25.97 2.69
CA SER A 447 -14.82 -24.51 2.95
CA SER A 447 -14.83 -24.51 2.83
C SER A 447 -13.60 -23.69 2.56
N ASP A 448 -12.42 -24.22 2.87
CA ASP A 448 -11.16 -23.51 2.51
C ASP A 448 -10.79 -23.69 1.02
N LEU A 449 -9.96 -22.80 0.49
CA LEU A 449 -9.61 -22.82 -0.90
C LEU A 449 -8.26 -23.53 -1.16
N GLY A 450 -7.48 -23.77 -0.09
CA GLY A 450 -6.10 -24.21 -0.22
C GLY A 450 -5.28 -23.03 -0.68
N PRO A 451 -3.95 -23.19 -0.79
CA PRO A 451 -3.13 -22.09 -1.30
C PRO A 451 -3.56 -21.66 -2.73
N ASN A 452 -3.55 -20.35 -2.98
CA ASN A 452 -3.82 -19.83 -4.32
C ASN A 452 -3.12 -18.49 -4.43
N GLY A 453 -2.97 -18.03 -5.68
CA GLY A 453 -2.31 -16.77 -6.02
C GLY A 453 -3.11 -15.53 -5.63
N HIS A 454 -4.38 -15.70 -5.25
CA HIS A 454 -5.14 -14.54 -4.77
C HIS A 454 -4.99 -14.38 -3.25
N GLY A 455 -4.36 -15.36 -2.60
CA GLY A 455 -4.14 -15.30 -1.16
C GLY A 455 -5.37 -15.32 -0.30
N TYR A 456 -6.50 -15.80 -0.84
CA TYR A 456 -7.74 -15.83 -0.04
C TYR A 456 -7.95 -17.23 0.51
N ARG A 457 -8.40 -17.28 1.78
CA ARG A 457 -8.53 -18.52 2.54
C ARG A 457 -9.77 -18.35 3.37
N ARG A 458 -10.38 -19.47 3.72
CA ARG A 458 -11.49 -19.52 4.64
C ARG A 458 -11.14 -20.56 5.72
N GLU A 459 -11.75 -20.39 6.88
CA GLU A 459 -11.68 -21.43 7.92
C GLU A 459 -12.38 -22.68 7.47
N GLU A 460 -11.96 -23.79 8.07
CA GLU A 460 -12.49 -25.12 7.78
C GLU A 460 -12.30 -26.03 8.98
N SER A 461 -13.32 -26.86 9.28
CA SER A 461 -13.17 -27.95 10.26
C SER A 461 -12.85 -27.40 11.68
N MET A 462 -13.34 -26.19 11.96
CA MET A 462 -12.95 -25.45 13.16
C MET A 462 -13.23 -26.15 14.48
N ASP A 463 -14.37 -26.83 14.56
CA ASP A 463 -14.77 -27.58 15.72
C ASP A 463 -13.72 -28.62 16.18
N ILE A 464 -13.18 -29.41 15.23
CA ILE A 464 -12.29 -30.51 15.58
C ILE A 464 -10.82 -30.11 15.55
N GLN A 465 -10.55 -28.89 15.09
CA GLN A 465 -9.18 -28.40 14.93
C GLN A 465 -8.24 -28.47 16.16
N PRO A 466 -8.70 -27.99 17.34
CA PRO A 466 -7.91 -28.19 18.58
C PRO A 466 -7.59 -29.66 18.93
N ALA A 467 -8.61 -30.52 18.98
CA ALA A 467 -8.42 -31.95 19.19
C ALA A 467 -7.38 -32.54 18.22
N ALA A 468 -7.52 -32.22 16.94
CA ALA A 468 -6.55 -32.63 15.91
C ALA A 468 -5.17 -32.13 16.30
N GLU A 469 -5.11 -30.86 16.66
CA GLU A 469 -3.86 -30.15 16.95
C GLU A 469 -3.07 -30.78 18.09
N ARG A 470 -3.80 -31.25 19.09
CA ARG A 470 -3.19 -31.82 20.28
C ARG A 470 -2.79 -33.25 20.03
N PHE A 471 -3.72 -34.02 19.49
CA PHE A 471 -3.42 -35.38 19.14
C PHE A 471 -2.11 -35.46 18.39
N LEU A 472 -1.88 -34.54 17.47
CA LEU A 472 -0.68 -34.59 16.67
C LEU A 472 0.55 -33.96 17.31
N LYS A 473 0.38 -33.22 18.38
CA LYS A 473 1.51 -32.74 19.16
C LYS A 473 2.03 -33.92 19.95
N ALA A 474 1.20 -34.43 20.84
CA ALA A 474 1.53 -35.59 21.61
C ALA A 474 2.24 -36.59 20.72
N PHE A 475 1.48 -37.16 19.79
CA PHE A 475 1.95 -38.22 18.94
C PHE A 475 3.35 -38.01 18.35
N LYS A 476 3.56 -36.87 17.71
CA LYS A 476 4.83 -36.62 17.05
C LYS A 476 5.98 -36.66 18.06
N GLU A 477 5.97 -35.77 19.03
CA GLU A 477 7.04 -35.68 20.01
C GLU A 477 7.10 -36.88 20.97
N GLY A 478 6.20 -37.83 20.79
CA GLY A 478 6.27 -39.06 21.54
C GLY A 478 5.63 -39.06 22.91
N LYS A 479 4.89 -38.01 23.24
CA LYS A 479 4.11 -37.99 24.47
C LYS A 479 2.73 -38.61 24.21
N ASN A 480 1.99 -38.92 25.27
CA ASN A 480 0.71 -39.59 25.11
C ASN A 480 -0.48 -38.69 24.81
N TYR A 481 -1.31 -39.09 23.86
CA TYR A 481 -2.50 -38.33 23.50
C TYR A 481 -3.68 -38.59 24.43
N ASP A 482 -4.64 -37.66 24.44
CA ASP A 482 -5.87 -37.84 25.24
C ASP A 482 -6.84 -38.81 24.53
N LYS A 483 -7.42 -39.74 25.27
CA LYS A 483 -8.39 -40.63 24.64
C LYS A 483 -9.55 -39.85 23.99
N ALA A 484 -10.11 -38.87 24.71
CA ALA A 484 -11.30 -38.17 24.22
C ALA A 484 -11.03 -37.46 22.88
N ASP A 485 -9.77 -37.12 22.63
CA ASP A 485 -9.36 -36.50 21.36
C ASP A 485 -9.29 -37.55 20.23
N PHE A 486 -8.95 -38.79 20.58
CA PHE A 486 -8.90 -39.92 19.66
C PHE A 486 -10.32 -40.24 19.22
N GLU A 487 -11.24 -40.20 20.19
CA GLU A 487 -12.62 -40.52 19.94
C GLU A 487 -13.32 -39.43 19.15
N THR A 488 -12.91 -38.17 19.35
CA THR A 488 -13.49 -37.04 18.63
C THR A 488 -13.20 -37.22 17.15
N LEU A 489 -11.93 -37.51 16.85
CA LEU A 489 -11.45 -37.84 15.51
C LEU A 489 -12.22 -39.02 14.92
N GLN A 490 -12.36 -40.07 15.72
CA GLN A 490 -13.09 -41.25 15.35
C GLN A 490 -14.58 -40.94 15.06
N TYR A 491 -15.23 -40.17 15.94
CA TYR A 491 -16.63 -39.81 15.78
C TYR A 491 -16.83 -39.03 14.45
N THR A 492 -15.90 -38.14 14.16
CA THR A 492 -15.94 -37.32 12.95
C THR A 492 -15.89 -38.14 11.67
N PHE A 493 -14.94 -39.05 11.58
CA PHE A 493 -14.84 -39.94 10.44
C PHE A 493 -16.12 -40.75 10.27
N GLU A 494 -16.64 -41.28 11.37
CA GLU A 494 -17.90 -42.02 11.31
C GLU A 494 -18.97 -41.13 10.71
N ARG A 495 -19.04 -39.90 11.16
CA ARG A 495 -20.07 -38.98 10.72
C ARG A 495 -19.94 -38.63 9.25
N MET A 496 -18.72 -38.38 8.83
CA MET A 496 -18.41 -38.10 7.45
C MET A 496 -18.94 -39.20 6.54
N LYS A 497 -18.72 -40.46 6.93
CA LYS A 497 -19.16 -41.60 6.14
C LYS A 497 -20.68 -41.65 6.02
N GLU A 498 -21.36 -41.45 7.12
CA GLU A 498 -22.82 -41.37 7.16
C GLU A 498 -23.36 -40.28 6.20
N SER A 499 -22.78 -39.07 6.29
CA SER A 499 -23.15 -37.92 5.45
C SER A 499 -22.90 -38.23 3.98
N ALA A 500 -21.70 -38.70 3.64
CA ALA A 500 -21.38 -39.03 2.24
C ALA A 500 -22.38 -40.02 1.67
N ASP A 501 -22.63 -41.09 2.38
CA ASP A 501 -23.53 -42.09 1.86
C ASP A 501 -24.95 -41.62 1.71
N ILE A 502 -25.44 -40.81 2.67
CA ILE A 502 -26.83 -40.35 2.65
C ILE A 502 -26.99 -39.30 1.54
N LEU A 503 -26.01 -38.40 1.43
CA LEU A 503 -26.05 -37.39 0.38
C LEU A 503 -26.05 -38.03 -1.03
N LEU A 504 -25.17 -39.02 -1.25
CA LEU A 504 -25.12 -39.75 -2.52
C LEU A 504 -26.47 -40.22 -2.99
N MET A 505 -27.32 -40.66 -2.09
CA MET A 505 -28.60 -41.26 -2.44
C MET A 505 -29.81 -40.32 -2.38
N ASN A 506 -29.55 -39.07 -2.04
CA ASN A 506 -30.61 -38.13 -1.76
C ASN A 506 -31.28 -37.73 -3.06
N THR A 507 -32.59 -37.78 -3.08
CA THR A 507 -33.32 -37.49 -4.30
C THR A 507 -34.16 -36.22 -4.14
N GLU A 508 -33.96 -35.45 -3.08
CA GLU A 508 -34.71 -34.20 -2.87
C GLU A 508 -34.22 -33.07 -3.78
N ASN A 509 -32.88 -32.95 -3.91
CA ASN A 509 -32.27 -32.02 -4.81
C ASN A 509 -31.22 -32.76 -5.64
N LYS A 510 -31.70 -33.42 -6.69
CA LYS A 510 -30.85 -34.18 -7.54
C LYS A 510 -29.73 -33.32 -8.13
N PRO A 511 -30.07 -32.12 -8.68
CA PRO A 511 -28.99 -31.31 -9.30
C PRO A 511 -27.84 -30.99 -8.34
N LEU A 512 -28.15 -30.75 -7.06
CA LEU A 512 -27.12 -30.50 -6.06
C LEU A 512 -26.20 -31.73 -5.92
N ILE A 513 -26.82 -32.89 -5.83
CA ILE A 513 -26.08 -34.15 -5.65
C ILE A 513 -25.17 -34.43 -6.83
N VAL A 514 -25.68 -34.20 -8.04
CA VAL A 514 -24.90 -34.34 -9.26
C VAL A 514 -23.67 -33.43 -9.18
N GLU A 515 -23.85 -32.16 -8.84
CA GLU A 515 -22.68 -31.25 -8.61
C GLU A 515 -21.64 -31.77 -7.66
N ILE A 516 -22.06 -32.16 -6.47
CA ILE A 516 -21.11 -32.50 -5.41
C ILE A 516 -20.58 -33.95 -5.41
N THR A 517 -21.18 -34.81 -6.21
CA THR A 517 -20.94 -36.24 -6.12
C THR A 517 -19.48 -36.71 -6.10
N PRO A 518 -18.66 -36.21 -7.00
CA PRO A 518 -17.26 -36.62 -7.00
C PRO A 518 -16.59 -36.21 -5.70
N TRP A 519 -16.92 -35.03 -5.20
CA TRP A 519 -16.44 -34.59 -3.89
C TRP A 519 -16.93 -35.46 -2.74
N VAL A 520 -18.19 -35.88 -2.82
CA VAL A 520 -18.73 -36.79 -1.85
C VAL A 520 -17.91 -38.12 -1.77
N HIS A 521 -17.58 -38.71 -2.94
CA HIS A 521 -16.84 -39.98 -3.00
C HIS A 521 -15.47 -39.75 -2.30
N GLN A 522 -14.84 -38.63 -2.62
CA GLN A 522 -13.47 -38.33 -2.12
C GLN A 522 -13.47 -38.09 -0.62
N PHE A 523 -14.57 -37.46 -0.16
CA PHE A 523 -14.87 -37.18 1.23
C PHE A 523 -15.06 -38.49 2.00
N LYS A 524 -15.97 -39.38 1.50
CA LYS A 524 -16.06 -40.78 2.05
C LYS A 524 -14.69 -41.50 2.14
N LEU A 525 -13.89 -41.43 1.08
CA LEU A 525 -12.58 -42.11 1.13
C LEU A 525 -11.69 -41.53 2.21
N THR A 526 -11.75 -40.20 2.34
CA THR A 526 -10.97 -39.50 3.32
C THR A 526 -11.31 -40.03 4.70
N ALA A 527 -12.60 -40.13 4.98
CA ALA A 527 -13.04 -40.60 6.26
C ALA A 527 -12.59 -42.08 6.52
N GLU A 528 -12.63 -42.94 5.48
CA GLU A 528 -12.18 -44.34 5.65
C GLU A 528 -10.67 -44.38 5.90
N MET A 529 -9.93 -43.58 5.17
CA MET A 529 -8.50 -43.53 5.40
C MET A 529 -8.24 -43.17 6.86
N GLY A 530 -8.97 -42.18 7.40
CA GLY A 530 -8.72 -41.67 8.77
C GLY A 530 -8.99 -42.78 9.80
N GLU A 531 -10.09 -43.51 9.62
CA GLU A 531 -10.47 -44.67 10.46
C GLU A 531 -9.39 -45.75 10.50
N GLU A 532 -8.70 -45.91 9.37
CA GLU A 532 -7.78 -47.00 9.19
C GLU A 532 -6.48 -46.56 9.77
N VAL A 533 -6.12 -45.29 9.53
CA VAL A 533 -4.94 -44.69 10.12
C VAL A 533 -5.03 -44.71 11.64
N LEU A 534 -6.23 -44.52 12.18
CA LEU A 534 -6.46 -44.56 13.62
C LEU A 534 -6.37 -45.98 14.19
N LYS A 535 -6.87 -46.95 13.42
CA LYS A 535 -6.65 -48.35 13.74
C LYS A 535 -5.17 -48.71 13.75
N MET A 536 -4.40 -48.14 12.83
CA MET A 536 -2.95 -48.28 12.91
C MET A 536 -2.31 -47.70 14.21
N VAL A 537 -2.83 -46.57 14.72
CA VAL A 537 -2.33 -45.99 15.97
C VAL A 537 -2.58 -46.96 17.15
N GLU A 538 -3.78 -47.52 17.23
CA GLU A 538 -4.11 -48.54 18.22
C GLU A 538 -3.16 -49.72 18.06
N GLY A 539 -3.13 -50.28 16.85
CA GLY A 539 -2.16 -51.31 16.43
C GLY A 539 -1.95 -52.51 17.32
N ARG A 540 -2.96 -53.35 17.41
CA ARG A 540 -2.83 -54.60 18.14
C ARG A 540 -1.43 -55.21 17.96
N ASN A 541 -1.18 -55.79 16.80
CA ASN A 541 0.03 -56.55 16.56
C ASN A 541 0.63 -56.28 15.19
N GLU A 542 1.74 -56.93 14.89
CA GLU A 542 2.43 -56.69 13.64
C GLU A 542 1.51 -56.91 12.43
N SER A 543 0.76 -58.01 12.42
CA SER A 543 0.03 -58.33 11.22
C SER A 543 -1.31 -57.57 11.05
N TYR A 544 -2.00 -57.24 12.16
CA TYR A 544 -3.05 -56.22 12.14
C TYR A 544 -2.53 -54.92 11.55
N PHE A 545 -1.47 -54.37 12.13
CA PHE A 545 -0.93 -53.14 11.61
C PHE A 545 -0.67 -53.21 10.12
N LEU A 546 -0.16 -54.37 9.63
CA LEU A 546 0.10 -54.52 8.23
C LEU A 546 -1.17 -54.63 7.40
N ARG A 547 -2.20 -55.26 7.92
CA ARG A 547 -3.47 -55.26 7.22
C ARG A 547 -3.97 -53.82 7.09
N LYS A 548 -3.95 -53.06 8.18
CA LYS A 548 -4.42 -51.67 8.16
C LYS A 548 -3.64 -50.83 7.21
N TYR A 549 -2.31 -50.90 7.31
CA TYR A 549 -1.40 -50.24 6.41
C TYR A 549 -1.65 -50.49 4.92
N ASN A 550 -1.83 -51.76 4.54
CA ASN A 550 -2.09 -52.03 3.13
C ASN A 550 -3.42 -51.47 2.70
N HIS A 551 -4.41 -51.49 3.60
CA HIS A 551 -5.74 -50.93 3.31
C HIS A 551 -5.64 -49.43 3.03
N VAL A 552 -4.82 -48.72 3.85
CA VAL A 552 -4.57 -47.31 3.68
C VAL A 552 -4.00 -47.05 2.29
N LYS A 553 -2.95 -47.80 1.92
CA LYS A 553 -2.36 -47.70 0.58
C LYS A 553 -3.42 -47.84 -0.51
N ALA A 554 -4.33 -48.81 -0.38
CA ALA A 554 -5.42 -48.96 -1.36
C ALA A 554 -6.33 -47.75 -1.43
N LEU A 555 -6.65 -47.22 -0.26
CA LEU A 555 -7.51 -46.05 -0.16
C LEU A 555 -6.80 -44.79 -0.79
N GLN A 556 -5.50 -44.63 -0.55
CA GLN A 556 -4.76 -43.57 -1.25
C GLN A 556 -4.83 -43.67 -2.77
N GLN A 557 -4.65 -44.89 -3.26
CA GLN A 557 -4.71 -45.12 -4.67
C GLN A 557 -6.09 -44.78 -5.21
N GLN A 558 -7.12 -45.16 -4.48
CA GLN A 558 -8.48 -44.80 -4.91
C GLN A 558 -8.71 -43.29 -4.98
N MET A 559 -8.20 -42.56 -3.99
CA MET A 559 -8.29 -41.09 -4.00
C MET A 559 -7.59 -40.50 -5.23
N PHE A 560 -6.40 -41.01 -5.54
CA PHE A 560 -5.69 -40.66 -6.79
C PHE A 560 -6.52 -40.92 -8.06
N TYR A 561 -7.12 -42.10 -8.17
CA TYR A 561 -7.95 -42.36 -9.31
C TYR A 561 -9.13 -41.35 -9.40
N ILE A 562 -9.85 -41.08 -8.31
CA ILE A 562 -10.84 -39.98 -8.38
C ILE A 562 -10.22 -38.64 -8.84
N ASP A 563 -9.06 -38.30 -8.30
CA ASP A 563 -8.45 -37.00 -8.55
C ASP A 563 -7.94 -36.90 -10.00
N GLN A 564 -7.84 -38.05 -10.66
CA GLN A 564 -7.35 -38.10 -12.03
C GLN A 564 -8.44 -38.33 -13.05
N THR A 565 -9.63 -38.69 -12.61
CA THR A 565 -10.62 -39.07 -13.56
C THR A 565 -11.83 -38.14 -13.53
N SER A 566 -12.11 -37.55 -12.36
CA SER A 566 -13.20 -36.59 -12.17
C SER A 566 -12.71 -35.11 -12.30
N ASN A 567 -13.58 -34.26 -12.84
CA ASN A 567 -13.40 -32.83 -12.88
C ASN A 567 -12.07 -32.50 -13.54
N GLN A 568 -11.80 -33.16 -14.66
CA GLN A 568 -10.55 -32.97 -15.37
C GLN A 568 -10.67 -31.74 -16.24
N ASN A 569 -10.65 -30.58 -15.59
CA ASN A 569 -10.60 -29.30 -16.27
C ASN A 569 -9.16 -28.84 -16.48
N PRO A 570 -8.97 -27.90 -17.40
CA PRO A 570 -7.63 -27.47 -17.81
C PRO A 570 -6.84 -26.72 -16.75
N TYR A 571 -7.48 -26.27 -15.69
CA TYR A 571 -6.85 -25.33 -14.79
C TYR A 571 -6.43 -25.87 -13.44
N GLN A 572 -7.40 -26.38 -12.69
CA GLN A 572 -7.11 -27.08 -11.46
C GLN A 572 -7.93 -28.36 -11.49
N PRO A 573 -7.41 -29.37 -12.19
CA PRO A 573 -8.17 -30.60 -12.39
C PRO A 573 -8.30 -31.41 -11.11
N GLY A 574 -9.37 -32.19 -11.04
CA GLY A 574 -9.53 -33.15 -9.97
C GLY A 574 -10.32 -32.68 -8.76
N VAL A 575 -10.08 -33.35 -7.64
CA VAL A 575 -11.01 -33.34 -6.55
C VAL A 575 -10.36 -33.31 -5.18
N LYS A 576 -10.36 -32.13 -4.55
CA LYS A 576 -9.83 -32.01 -3.21
C LYS A 576 -10.91 -31.77 -2.16
N THR A 577 -10.71 -32.31 -0.95
CA THR A 577 -11.73 -32.22 0.09
C THR A 577 -11.11 -32.30 1.47
N ALA A 578 -11.77 -31.70 2.47
CA ALA A 578 -11.25 -31.73 3.85
C ALA A 578 -9.75 -31.36 3.89
N THR A 579 -9.38 -30.32 3.15
CA THR A 579 -7.92 -30.09 2.93
C THR A 579 -7.22 -29.26 4.01
N ARG A 580 -7.99 -28.52 4.81
CA ARG A 580 -7.33 -27.62 5.78
C ARG A 580 -6.75 -28.32 7.00
N VAL A 581 -7.55 -29.18 7.63
CA VAL A 581 -7.25 -29.80 8.89
C VAL A 581 -7.30 -31.37 8.76
N ILE A 582 -8.41 -31.91 8.26
CA ILE A 582 -8.57 -33.38 8.19
C ILE A 582 -7.52 -34.16 7.37
N LYS A 583 -7.29 -33.80 6.10
CA LYS A 583 -6.38 -34.61 5.31
C LYS A 583 -4.98 -34.46 5.87
N PRO A 584 -4.60 -33.23 6.30
CA PRO A 584 -3.20 -33.15 6.79
C PRO A 584 -2.99 -33.95 8.05
N LEU A 585 -3.93 -33.90 8.96
CA LEU A 585 -3.88 -34.71 10.14
C LEU A 585 -3.71 -36.22 9.81
N ILE A 586 -4.57 -36.74 8.93
CA ILE A 586 -4.44 -38.11 8.48
C ILE A 586 -3.09 -38.42 7.85
N ASP A 587 -2.65 -37.57 6.95
CA ASP A 587 -1.40 -37.85 6.28
C ASP A 587 -0.29 -37.89 7.28
N ARG A 588 -0.25 -36.88 8.14
CA ARG A 588 0.88 -36.73 9.08
C ARG A 588 0.87 -37.83 10.15
N THR A 589 -0.32 -38.22 10.63
CA THR A 589 -0.46 -39.36 11.50
C THR A 589 0.06 -40.64 10.78
N PHE A 590 -0.43 -40.88 9.57
CA PHE A 590 0.04 -42.05 8.81
C PHE A 590 1.58 -42.07 8.68
N ALA A 591 2.19 -40.94 8.35
CA ALA A 591 3.64 -40.92 8.14
C ALA A 591 4.38 -41.26 9.43
N THR A 592 3.79 -40.82 10.55
CA THR A 592 4.35 -40.99 11.88
C THR A 592 4.29 -42.44 12.39
N VAL A 593 3.11 -43.07 12.36
CA VAL A 593 3.03 -44.46 12.80
C VAL A 593 3.92 -45.36 11.95
N VAL A 594 3.98 -45.10 10.65
CA VAL A 594 4.80 -45.86 9.77
C VAL A 594 6.25 -45.80 10.24
N LYS A 595 6.72 -44.60 10.58
CA LYS A 595 8.08 -44.39 11.05
C LYS A 595 8.36 -45.13 12.38
N PHE A 596 7.47 -45.02 13.37
CA PHE A 596 7.62 -45.75 14.63
C PHE A 596 7.69 -47.25 14.36
N PHE A 597 6.85 -47.73 13.44
CA PHE A 597 6.76 -49.18 13.16
C PHE A 597 8.05 -49.61 12.51
N ASN A 598 8.54 -48.81 11.59
CA ASN A 598 9.80 -49.13 10.95
C ASN A 598 10.98 -49.27 11.93
N GLN A 599 11.01 -48.42 12.97
CA GLN A 599 12.05 -48.43 13.99
C GLN A 599 11.84 -49.67 14.83
N LYS A 600 10.62 -49.83 15.32
CA LYS A 600 10.31 -50.92 16.23
C LYS A 600 10.48 -52.31 15.60
N PHE A 601 10.38 -52.40 14.28
CA PHE A 601 10.47 -53.71 13.67
C PHE A 601 11.57 -53.80 12.64
N ASN A 602 12.47 -52.80 12.64
CA ASN A 602 13.46 -52.68 11.57
C ASN A 602 12.89 -52.92 10.18
N ALA A 603 11.65 -52.46 9.96
CA ALA A 603 10.99 -52.63 8.68
C ALA A 603 11.33 -51.46 7.78
N HIS A 604 10.89 -51.52 6.53
CA HIS A 604 11.12 -50.42 5.61
C HIS A 604 9.82 -50.05 4.87
N LEU A 605 8.72 -50.03 5.60
CA LEU A 605 7.45 -49.61 5.04
C LEU A 605 7.59 -48.25 4.38
N ASP A 606 6.94 -48.06 3.23
CA ASP A 606 6.89 -46.73 2.63
C ASP A 606 5.84 -45.83 3.31
N ALA A 607 6.27 -44.61 3.64
CA ALA A 607 5.48 -43.64 4.41
C ALA A 607 4.88 -42.51 3.59
N THR A 608 5.13 -42.48 2.28
CA THR A 608 4.56 -41.41 1.45
C THR A 608 3.03 -41.47 1.46
N THR A 609 2.42 -40.30 1.34
CA THR A 609 1.00 -40.13 1.65
C THR A 609 0.02 -39.99 0.47
N ASP A 610 0.53 -39.59 -0.67
CA ASP A 610 -0.28 -39.59 -1.85
C ASP A 610 0.22 -40.72 -2.77
N TYR A 611 -0.72 -41.47 -3.33
CA TYR A 611 -0.36 -42.49 -4.27
C TYR A 611 0.28 -41.87 -5.53
N MET A 612 1.35 -42.49 -6.01
CA MET A 612 2.05 -42.07 -7.24
C MET A 612 2.48 -43.33 -8.02
N PRO A 613 1.87 -43.55 -9.21
CA PRO A 613 2.13 -44.74 -10.02
C PRO A 613 3.49 -44.72 -10.73
N HIS A 614 4.07 -43.53 -10.86
CA HIS A 614 5.39 -43.37 -11.47
C HIS A 614 6.44 -43.12 -10.38
N LYS A 615 7.63 -43.67 -10.58
CA LYS A 615 8.74 -43.61 -9.61
C LYS A 615 9.72 -42.44 -9.91
N MET A 616 10.51 -42.07 -8.89
CA MET A 616 11.56 -41.03 -8.99
C MET A 616 12.63 -41.24 -7.91
N PRO A 627 8.50 -35.27 -4.55
CA PRO A 627 7.09 -35.56 -4.81
C PRO A 627 6.68 -35.27 -6.27
N LEU A 628 6.60 -36.34 -7.08
CA LEU A 628 6.05 -36.26 -8.44
C LEU A 628 4.56 -35.92 -8.39
N GLN A 629 4.04 -35.39 -9.49
CA GLN A 629 2.62 -35.07 -9.59
C GLN A 629 2.12 -35.41 -10.97
N VAL A 630 0.83 -35.69 -11.06
CA VAL A 630 0.19 -36.00 -12.32
C VAL A 630 -0.94 -34.99 -12.52
N LYS A 631 -0.91 -34.29 -13.65
CA LYS A 631 -2.01 -33.42 -14.02
C LYS A 631 -2.34 -33.62 -15.50
N ALA A 632 -3.57 -34.00 -15.76
CA ALA A 632 -3.98 -34.40 -17.10
C ALA A 632 -2.90 -35.30 -17.68
N ASN A 633 -2.35 -34.94 -18.83
CA ASN A 633 -1.29 -35.74 -19.44
C ASN A 633 0.09 -35.28 -19.08
N ARG A 634 0.21 -34.56 -17.98
CA ARG A 634 1.54 -34.08 -17.54
C ARG A 634 2.04 -34.90 -16.37
N VAL A 635 3.37 -35.04 -16.26
CA VAL A 635 4.06 -35.66 -15.10
C VAL A 635 5.17 -34.71 -14.57
N LEU A 636 4.93 -34.08 -13.42
CA LEU A 636 5.79 -32.99 -12.92
C LEU A 636 6.42 -33.24 -11.52
N ILE A 637 7.70 -32.91 -11.35
CA ILE A 637 8.32 -32.83 -10.01
C ILE A 637 7.92 -31.46 -9.43
N SER A 638 7.29 -31.45 -8.25
CA SER A 638 6.74 -30.22 -7.62
C SER A 638 7.69 -28.99 -7.68
N PRO A 639 7.25 -27.86 -8.28
CA PRO A 639 8.07 -26.65 -8.53
C PRO A 639 9.29 -26.41 -7.60
N VAL A 652 17.30 -36.44 -10.75
CA VAL A 652 18.18 -37.05 -11.74
C VAL A 652 17.34 -37.92 -12.70
N GLU A 653 16.38 -38.68 -12.17
CA GLU A 653 15.62 -39.66 -13.00
C GLU A 653 14.15 -39.97 -12.64
N ILE A 654 13.30 -40.02 -13.69
CA ILE A 654 11.88 -40.40 -13.60
C ILE A 654 11.59 -41.71 -14.35
N GLU A 655 10.78 -42.59 -13.74
CA GLU A 655 10.34 -43.83 -14.40
C GLU A 655 8.81 -43.94 -14.36
N LEU A 656 8.20 -43.94 -15.54
CA LEU A 656 6.75 -44.06 -15.67
C LEU A 656 6.34 -45.51 -15.58
N ASP A 657 5.10 -45.70 -15.13
CA ASP A 657 4.52 -47.02 -14.98
C ASP A 657 4.38 -47.77 -16.32
N ALA A 658 4.73 -47.11 -17.43
CA ALA A 658 4.63 -47.74 -18.75
C ALA A 658 5.34 -46.94 -19.87
N ILE A 659 5.36 -47.50 -21.09
CA ILE A 659 5.87 -46.81 -22.27
C ILE A 659 4.73 -45.90 -22.79
N TYR A 660 4.98 -44.60 -22.87
CA TYR A 660 4.04 -43.66 -23.50
C TYR A 660 4.68 -42.98 -24.69
N PRO A 661 3.86 -42.55 -25.67
CA PRO A 661 4.42 -41.60 -26.63
C PRO A 661 4.68 -40.28 -25.87
N GLY A 662 5.91 -39.77 -25.94
CA GLY A 662 6.22 -38.51 -25.27
C GLY A 662 5.91 -37.32 -26.17
N GLU A 663 5.62 -36.16 -25.56
CA GLU A 663 5.26 -34.98 -26.32
C GLU A 663 6.23 -33.82 -26.16
N ASN A 664 6.55 -33.46 -24.92
CA ASN A 664 7.61 -32.49 -24.64
C ASN A 664 8.06 -32.46 -23.18
N ILE A 665 9.25 -31.91 -22.94
CA ILE A 665 9.80 -31.82 -21.60
C ILE A 665 10.16 -30.38 -21.24
N GLN A 666 9.36 -29.71 -20.44
CA GLN A 666 9.68 -28.35 -20.06
C GLN A 666 10.37 -28.21 -18.70
N ILE A 667 11.66 -27.90 -18.72
CA ILE A 667 12.39 -27.57 -17.50
C ILE A 667 12.49 -26.06 -17.37
N ASN A 668 13.12 -25.58 -16.30
CA ASN A 668 13.18 -24.14 -16.04
C ASN A 668 13.63 -23.79 -14.62
N ALA A 703 12.10 -29.26 -25.10
CA ALA A 703 12.17 -29.87 -26.42
C ALA A 703 10.97 -30.75 -26.76
N GLY A 704 10.42 -30.61 -27.97
CA GLY A 704 9.39 -31.52 -28.50
C GLY A 704 9.92 -32.94 -28.61
N LEU A 705 9.05 -33.92 -28.38
CA LEU A 705 9.48 -35.32 -28.32
C LEU A 705 8.93 -36.09 -29.51
N GLN A 706 8.06 -35.43 -30.27
CA GLN A 706 7.51 -35.96 -31.52
C GLN A 706 7.11 -37.44 -31.45
N LYS A 707 6.29 -37.75 -30.44
CA LYS A 707 5.65 -39.06 -30.22
C LYS A 707 6.63 -40.21 -29.96
N ALA A 708 7.88 -39.90 -29.60
CA ALA A 708 8.87 -40.96 -29.31
C ALA A 708 8.39 -41.81 -28.14
N PRO A 709 8.39 -43.16 -28.27
CA PRO A 709 8.07 -43.97 -27.09
C PRO A 709 9.03 -43.64 -25.94
N VAL A 710 8.47 -43.48 -24.75
CA VAL A 710 9.24 -43.04 -23.58
C VAL A 710 8.68 -43.63 -22.26
N LYS A 711 9.59 -44.09 -21.42
CA LYS A 711 9.29 -44.60 -20.08
C LYS A 711 10.27 -44.00 -19.06
N PHE A 712 11.56 -43.91 -19.40
CA PHE A 712 12.56 -43.31 -18.51
C PHE A 712 12.93 -41.89 -18.98
N VAL A 713 13.26 -41.02 -18.03
CA VAL A 713 13.68 -39.63 -18.30
C VAL A 713 14.78 -39.29 -17.29
N ARG A 714 15.97 -38.90 -17.78
CA ARG A 714 17.15 -38.58 -16.94
C ARG A 714 17.94 -37.39 -17.47
N GLN A 729 10.62 -25.77 -12.51
CA GLN A 729 9.74 -26.51 -13.40
C GLN A 729 10.42 -27.74 -14.00
N PHE A 730 9.69 -28.83 -14.10
CA PHE A 730 10.14 -30.05 -14.74
C PHE A 730 8.91 -30.86 -15.13
N VAL A 731 8.24 -30.45 -16.20
CA VAL A 731 7.00 -31.07 -16.62
C VAL A 731 7.16 -31.90 -17.90
N LEU A 732 6.78 -33.17 -17.81
CA LEU A 732 6.83 -34.06 -18.95
C LEU A 732 5.43 -34.34 -19.46
N THR A 733 5.17 -33.97 -20.70
CA THR A 733 3.89 -34.25 -21.32
C THR A 733 3.94 -35.47 -22.22
N ILE A 734 2.93 -36.32 -22.08
CA ILE A 734 2.76 -37.57 -22.82
C ILE A 734 1.39 -37.63 -23.53
N GLU A 735 1.16 -38.69 -24.28
CA GLU A 735 -0.15 -38.95 -24.85
C GLU A 735 -0.75 -40.05 -23.98
N LYS A 736 -1.88 -39.75 -23.38
CA LYS A 736 -2.51 -40.70 -22.47
C LYS A 736 -3.93 -41.03 -22.93
N SER B 25 41.50 13.49 15.38
CA SER B 25 40.20 13.04 14.90
C SER B 25 40.14 13.06 13.39
N LEU B 26 39.45 12.06 12.85
CA LEU B 26 39.36 11.84 11.43
C LEU B 26 37.90 11.59 11.05
N GLN B 27 37.46 12.24 9.98
CA GLN B 27 36.11 12.08 9.46
C GLN B 27 36.13 11.92 7.95
N PRO B 28 35.55 10.85 7.43
CA PRO B 28 34.99 9.76 8.25
C PRO B 28 36.08 9.06 9.05
N PRO B 29 35.73 8.39 10.15
CA PRO B 29 36.77 7.64 10.82
C PRO B 29 37.18 6.39 10.01
N PRO B 30 38.49 6.11 9.91
CA PRO B 30 38.94 4.96 9.12
C PRO B 30 38.52 3.59 9.66
N GLN B 31 38.52 2.58 8.77
CA GLN B 31 38.15 1.22 9.09
C GLN B 31 39.15 0.73 10.16
N GLN B 32 40.43 1.04 9.98
CA GLN B 32 41.45 0.64 10.93
C GLN B 32 42.49 1.74 11.06
N LEU B 33 42.83 2.02 12.31
CA LEU B 33 43.72 3.09 12.66
C LEU B 33 44.60 2.58 13.82
N ILE B 34 45.92 2.64 13.64
CA ILE B 34 46.83 2.24 14.69
C ILE B 34 47.68 3.46 14.91
N VAL B 35 47.53 4.07 16.10
CA VAL B 35 48.26 5.29 16.45
C VAL B 35 49.40 4.94 17.39
N GLN B 36 50.61 5.34 17.00
CA GLN B 36 51.79 5.26 17.86
C GLN B 36 51.87 6.63 18.51
N ASN B 37 52.41 6.70 19.72
CA ASN B 37 52.56 7.99 20.36
C ASN B 37 53.96 8.50 20.07
N LYS B 38 54.09 9.05 18.86
CA LYS B 38 55.27 9.76 18.37
C LYS B 38 54.74 10.72 17.30
N THR B 39 55.46 11.81 17.10
CA THR B 39 55.05 12.80 16.13
C THR B 39 56.27 13.21 15.32
N ILE B 40 56.19 13.10 14.00
CA ILE B 40 57.31 13.49 13.17
C ILE B 40 57.01 14.89 12.66
N ASP B 41 58.02 15.57 12.11
CA ASP B 41 57.77 16.80 11.38
C ASP B 41 57.60 16.49 9.92
N LEU B 42 56.74 17.27 9.26
CA LEU B 42 56.58 17.19 7.82
C LEU B 42 57.95 17.52 7.22
N PRO B 43 58.47 16.65 6.34
CA PRO B 43 59.86 16.76 5.89
C PRO B 43 60.22 18.13 5.33
N ALA B 44 61.20 18.78 5.95
CA ALA B 44 61.84 19.96 5.39
C ALA B 44 62.37 19.60 4.00
N VAL B 45 62.99 18.43 3.89
CA VAL B 45 63.47 17.92 2.61
C VAL B 45 62.86 16.56 2.34
N TYR B 46 62.29 16.40 1.16
CA TYR B 46 61.59 15.17 0.84
C TYR B 46 61.93 14.69 -0.55
N GLN B 47 61.93 13.38 -0.69
CA GLN B 47 62.10 12.73 -1.96
C GLN B 47 60.75 12.13 -2.37
N LEU B 48 60.23 12.52 -3.53
CA LEU B 48 58.93 12.03 -3.93
C LEU B 48 58.99 10.81 -4.81
N ASN B 49 58.24 9.79 -4.45
CA ASN B 49 58.21 8.57 -5.24
C ASN B 49 56.83 8.25 -5.81
N GLY B 50 56.72 8.23 -7.14
CA GLY B 50 55.47 7.91 -7.85
C GLY B 50 54.57 9.08 -8.27
N GLY B 51 55.07 10.29 -8.10
CA GLY B 51 54.35 11.49 -8.49
C GLY B 51 53.83 11.52 -9.92
N GLU B 52 54.42 10.71 -10.79
CA GLU B 52 54.16 10.82 -12.20
C GLU B 52 53.15 9.79 -12.64
N GLU B 53 52.98 8.73 -11.86
CA GLU B 53 52.01 7.70 -12.23
C GLU B 53 50.82 7.60 -11.30
N ALA B 54 50.89 8.30 -10.19
CA ALA B 54 49.78 8.29 -9.22
C ALA B 54 48.63 9.15 -9.74
N ASN B 55 47.39 8.88 -9.27
CA ASN B 55 46.27 9.82 -9.46
C ASN B 55 46.71 11.28 -9.28
N PRO B 56 46.69 12.05 -10.39
CA PRO B 56 47.12 13.48 -10.39
C PRO B 56 46.31 14.37 -9.42
N HIS B 57 45.02 14.08 -9.27
CA HIS B 57 44.16 14.75 -8.26
C HIS B 57 44.83 14.57 -6.87
N ALA B 58 45.32 13.35 -6.56
CA ALA B 58 46.00 13.11 -5.29
C ALA B 58 47.38 13.80 -5.23
N VAL B 59 48.15 13.70 -6.30
CA VAL B 59 49.45 14.38 -6.32
C VAL B 59 49.29 15.89 -6.05
N LYS B 60 48.34 16.50 -6.75
CA LYS B 60 48.11 17.94 -6.59
C LYS B 60 47.89 18.34 -5.13
N VAL B 61 47.02 17.61 -4.45
CA VAL B 61 46.81 17.84 -3.04
C VAL B 61 48.12 17.69 -2.25
N LEU B 62 48.79 16.54 -2.43
CA LEU B 62 50.06 16.30 -1.76
C LEU B 62 50.94 17.53 -1.91
N LYS B 63 51.18 17.91 -3.16
CA LYS B 63 52.12 19.01 -3.45
C LYS B 63 51.76 20.35 -2.80
N GLU B 64 50.46 20.64 -2.66
CA GLU B 64 49.97 21.79 -1.87
C GLU B 64 50.41 21.69 -0.41
N LEU B 65 50.14 20.55 0.23
CA LEU B 65 50.58 20.33 1.61
C LEU B 65 52.12 20.45 1.77
N LEU B 66 52.88 20.15 0.72
CA LEU B 66 54.38 20.17 0.77
C LEU B 66 55.06 21.42 0.14
N SER B 67 54.27 22.37 -0.34
CA SER B 67 54.82 23.62 -0.88
C SER B 67 55.46 24.45 0.25
N GLY B 68 56.74 24.79 0.08
CA GLY B 68 57.50 25.39 1.17
C GLY B 68 58.58 24.40 1.58
N LYS B 69 58.23 23.12 1.49
CA LYS B 69 59.20 22.04 1.67
C LYS B 69 60.07 21.83 0.41
N GLN B 70 61.19 21.13 0.55
CA GLN B 70 62.19 21.00 -0.53
C GLN B 70 62.26 19.61 -1.17
N SER B 71 62.08 19.55 -2.50
CA SER B 71 62.08 18.28 -3.24
C SER B 71 63.44 17.87 -3.81
N SER B 72 64.07 16.88 -3.19
CA SER B 72 65.41 16.49 -3.59
C SER B 72 65.56 14.99 -3.80
N LYS B 73 66.80 14.52 -3.64
CA LYS B 73 67.12 13.08 -3.70
C LYS B 73 67.65 12.56 -2.36
N LYS B 74 67.88 13.46 -1.40
CA LYS B 74 67.96 13.05 0.00
C LYS B 74 66.68 13.49 0.74
N GLY B 75 66.70 13.37 2.06
CA GLY B 75 65.54 13.63 2.89
C GLY B 75 64.52 12.51 2.79
N MET B 76 63.45 12.63 3.59
CA MET B 76 62.45 11.59 3.72
C MET B 76 61.82 11.14 2.40
N LEU B 77 61.62 9.84 2.29
CA LEU B 77 60.89 9.27 1.17
C LEU B 77 59.38 9.39 1.42
N ILE B 78 58.69 9.91 0.42
CA ILE B 78 57.25 9.86 0.39
C ILE B 78 56.84 9.14 -0.87
N SER B 79 56.18 8.00 -0.73
CA SER B 79 55.75 7.23 -1.88
C SER B 79 54.21 7.30 -2.05
N ILE B 80 53.76 7.65 -3.26
CA ILE B 80 52.35 7.78 -3.62
C ILE B 80 52.09 6.96 -4.85
N GLY B 81 50.99 6.20 -4.85
CA GLY B 81 50.59 5.48 -6.04
C GLY B 81 49.37 4.61 -5.86
N GLU B 82 48.90 4.02 -6.95
CA GLU B 82 47.88 2.97 -6.87
C GLU B 82 48.63 1.62 -6.77
N LYS B 83 47.95 0.58 -6.31
CA LYS B 83 48.60 -0.72 -6.11
C LYS B 83 49.08 -1.14 -7.52
N GLY B 84 50.22 -1.77 -7.63
CA GLY B 84 50.59 -2.06 -9.03
C GLY B 84 51.40 -0.94 -9.66
N ASP B 85 51.34 0.27 -9.13
CA ASP B 85 52.39 1.26 -9.42
C ASP B 85 53.72 0.81 -8.79
N LYS B 86 54.84 1.09 -9.45
CA LYS B 86 56.13 0.62 -8.92
C LYS B 86 56.51 1.35 -7.62
N SER B 87 56.17 2.64 -7.52
CA SER B 87 56.19 3.38 -6.24
C SER B 87 55.70 2.59 -4.99
N VAL B 88 54.62 1.85 -5.12
CA VAL B 88 54.04 1.28 -3.92
C VAL B 88 53.67 -0.20 -4.05
N ARG B 89 54.19 -0.88 -5.09
CA ARG B 89 53.83 -2.29 -5.31
C ARG B 89 54.25 -3.11 -4.09
N LYS B 90 55.40 -2.78 -3.50
CA LYS B 90 55.91 -3.52 -2.32
C LYS B 90 54.92 -3.54 -1.13
N TYR B 91 54.03 -2.54 -1.05
CA TYR B 91 53.01 -2.50 0.01
C TYR B 91 51.66 -3.22 -0.33
N SER B 92 51.65 -4.07 -1.36
CA SER B 92 50.38 -4.67 -1.84
C SER B 92 49.57 -5.39 -0.75
N ARG B 93 50.30 -6.05 0.15
CA ARG B 93 49.69 -6.79 1.25
C ARG B 93 49.11 -5.82 2.29
N GLN B 94 49.60 -4.59 2.36
CA GLN B 94 48.96 -3.59 3.24
C GLN B 94 47.67 -2.92 2.68
N ILE B 95 47.57 -2.84 1.34
CA ILE B 95 46.50 -2.15 0.66
C ILE B 95 45.17 -2.91 0.67
N PRO B 96 44.14 -2.33 1.31
CA PRO B 96 42.91 -3.10 1.44
C PRO B 96 42.36 -3.44 0.08
N ASP B 97 41.82 -4.65 -0.07
CA ASP B 97 41.42 -5.12 -1.41
C ASP B 97 39.94 -4.71 -1.60
N HIS B 98 39.71 -3.40 -1.67
CA HIS B 98 38.36 -2.82 -1.71
C HIS B 98 38.40 -1.61 -2.66
N LYS B 99 37.41 -1.49 -3.55
CA LYS B 99 37.29 -0.23 -4.34
C LYS B 99 37.36 0.98 -3.39
N GLU B 100 38.26 1.91 -3.73
CA GLU B 100 38.46 3.16 -3.02
C GLU B 100 39.21 3.03 -1.70
N GLY B 101 39.86 1.87 -1.50
CA GLY B 101 40.64 1.56 -0.32
C GLY B 101 42.02 2.21 -0.43
N TYR B 102 42.68 2.36 0.71
CA TYR B 102 44.02 2.89 0.71
C TYR B 102 44.72 2.37 1.95
N TYR B 103 46.02 2.39 1.92
CA TYR B 103 46.82 2.16 3.08
C TYR B 103 47.57 3.45 3.23
N LEU B 104 47.51 4.01 4.44
CA LEU B 104 48.33 5.15 4.77
C LEU B 104 49.27 4.77 5.91
N SER B 105 50.50 5.22 5.82
CA SER B 105 51.48 4.99 6.88
C SER B 105 52.38 6.20 7.02
N VAL B 106 52.56 6.63 8.26
CA VAL B 106 53.58 7.63 8.62
C VAL B 106 54.47 7.10 9.75
N ASN B 107 55.79 7.05 9.52
CA ASN B 107 56.75 6.79 10.62
C ASN B 107 57.98 7.68 10.42
N GLU B 108 59.01 7.55 11.26
CA GLU B 108 60.20 8.46 11.20
C GLU B 108 60.96 8.36 9.90
N LYS B 109 60.94 7.15 9.35
CA LYS B 109 61.64 6.78 8.12
C LYS B 109 60.94 7.30 6.85
N GLU B 110 59.66 6.95 6.66
CA GLU B 110 58.96 7.32 5.42
C GLU B 110 57.43 7.49 5.56
N ILE B 111 56.82 8.09 4.54
CA ILE B 111 55.36 8.21 4.43
C ILE B 111 54.90 7.40 3.22
N VAL B 112 53.84 6.64 3.37
CA VAL B 112 53.29 5.87 2.24
C VAL B 112 51.83 6.26 2.05
N LEU B 113 51.46 6.58 0.80
CA LEU B 113 50.08 6.95 0.45
C LEU B 113 49.66 6.05 -0.74
N ALA B 114 48.92 4.97 -0.47
CA ALA B 114 48.65 3.92 -1.49
C ALA B 114 47.21 3.51 -1.65
N GLY B 115 46.63 3.83 -2.78
CA GLY B 115 45.26 3.46 -3.04
C GLY B 115 45.17 2.09 -3.70
N ASN B 116 44.10 1.39 -3.38
CA ASN B 116 43.71 0.24 -4.16
C ASN B 116 43.50 0.66 -5.62
N ASP B 117 43.10 1.90 -5.84
CA ASP B 117 42.75 2.44 -7.18
C ASP B 117 42.93 3.94 -7.06
N GLU B 118 42.77 4.69 -8.16
CA GLU B 118 43.08 6.12 -8.17
C GLU B 118 42.23 6.91 -7.15
N ARG B 119 40.99 6.50 -6.96
CA ARG B 119 40.21 7.24 -6.00
C ARG B 119 40.66 6.92 -4.58
N GLY B 120 41.06 5.67 -4.34
CA GLY B 120 41.62 5.31 -3.04
C GLY B 120 42.78 6.19 -2.72
N THR B 121 43.62 6.47 -3.73
CA THR B 121 44.81 7.27 -3.45
C THR B 121 44.41 8.71 -3.03
N TYR B 122 43.38 9.25 -3.67
CA TYR B 122 42.88 10.59 -3.36
C TYR B 122 42.33 10.61 -1.95
N TYR B 123 41.67 9.53 -1.59
CA TYR B 123 41.18 9.44 -0.24
C TYR B 123 42.24 9.36 0.83
N ALA B 124 43.35 8.66 0.53
CA ALA B 124 44.52 8.63 1.42
C ALA B 124 44.93 10.04 1.71
N LEU B 125 44.97 10.84 0.64
CA LEU B 125 45.36 12.23 0.77
C LEU B 125 44.46 13.11 1.63
N GLN B 126 43.15 12.83 1.63
CA GLN B 126 42.20 13.60 2.44
C GLN B 126 42.34 13.22 3.89
N THR B 127 42.65 11.94 4.16
CA THR B 127 43.02 11.54 5.50
C THR B 127 44.34 12.24 5.92
N PHE B 128 45.34 12.13 5.05
CA PHE B 128 46.65 12.77 5.31
C PHE B 128 46.49 14.24 5.70
N ALA B 129 45.79 15.03 4.88
CA ALA B 129 45.48 16.41 5.20
C ALA B 129 44.88 16.66 6.59
N GLN B 130 44.05 15.75 7.08
CA GLN B 130 43.52 15.85 8.42
C GLN B 130 44.53 15.47 9.49
N LEU B 131 45.48 14.59 9.15
CA LEU B 131 46.54 14.16 10.09
C LEU B 131 47.47 15.32 10.38
N LEU B 132 47.65 16.18 9.41
CA LEU B 132 48.71 17.17 9.47
C LEU B 132 48.31 18.35 10.36
N LYS B 133 49.14 18.68 11.33
CA LYS B 133 48.79 19.75 12.29
C LYS B 133 50.00 20.58 12.73
N ASP B 134 49.98 21.87 12.42
CA ASP B 134 51.05 22.81 12.83
C ASP B 134 52.42 22.25 12.39
N GLY B 135 52.47 21.75 11.15
CA GLY B 135 53.66 21.12 10.60
C GLY B 135 53.99 19.71 11.09
N LYS B 136 53.14 19.13 11.93
CA LYS B 136 53.43 17.80 12.46
C LYS B 136 52.42 16.72 12.10
N LEU B 137 52.90 15.48 12.06
CA LEU B 137 52.08 14.31 11.81
C LEU B 137 52.21 13.28 12.92
N PRO B 138 51.18 12.46 13.12
CA PRO B 138 51.31 11.38 14.09
C PRO B 138 51.93 10.16 13.43
N GLU B 139 52.57 9.31 14.21
CA GLU B 139 53.06 8.06 13.69
C GLU B 139 51.82 7.21 13.65
N VAL B 140 51.41 6.76 12.48
CA VAL B 140 50.10 6.09 12.38
C VAL B 140 50.13 5.07 11.30
N GLU B 141 49.19 4.13 11.38
CA GLU B 141 48.95 3.23 10.31
C GLU B 141 47.47 3.02 10.11
N ILE B 142 47.03 3.22 8.86
CA ILE B 142 45.63 3.24 8.52
C ILE B 142 45.34 2.32 7.35
N LYS B 143 44.32 1.51 7.49
CA LYS B 143 43.80 0.76 6.39
C LYS B 143 42.33 1.05 6.39
N ASP B 144 41.85 1.47 5.24
CA ASP B 144 40.59 2.20 5.15
C ASP B 144 39.97 1.98 3.84
N TYR B 145 38.64 1.99 3.85
CA TYR B 145 37.89 1.81 2.66
C TYR B 145 36.45 2.11 3.10
N PRO B 146 35.54 2.37 2.14
CA PRO B 146 34.10 2.65 2.47
C PRO B 146 33.24 1.42 2.61
N SER B 147 32.28 1.49 3.52
CA SER B 147 31.33 0.40 3.71
C SER B 147 30.16 0.41 2.75
N VAL B 148 29.82 1.59 2.22
CA VAL B 148 28.79 1.78 1.20
C VAL B 148 29.42 2.30 -0.09
N ARG B 149 29.03 1.71 -1.21
CA ARG B 149 29.77 1.95 -2.50
C ARG B 149 29.56 3.37 -3.11
N TYR B 150 28.31 3.83 -3.05
CA TYR B 150 27.93 5.19 -3.48
C TYR B 150 27.51 6.08 -2.33
N ARG B 151 28.09 7.26 -2.21
CA ARG B 151 27.88 8.04 -1.00
C ARG B 151 27.86 9.50 -1.41
N GLY B 152 26.80 10.24 -1.08
CA GLY B 152 26.74 11.64 -1.49
C GLY B 152 25.43 12.36 -1.28
N VAL B 153 25.08 13.17 -2.27
CA VAL B 153 24.01 14.15 -2.19
C VAL B 153 23.15 14.10 -3.44
N VAL B 154 21.81 14.06 -3.31
CA VAL B 154 21.06 14.24 -4.48
C VAL B 154 20.51 15.66 -4.27
N GLU B 155 20.81 16.59 -5.19
CA GLU B 155 20.07 17.84 -5.11
C GLU B 155 18.70 17.60 -5.77
N GLY B 156 17.69 17.24 -4.99
CA GLY B 156 16.46 16.69 -5.60
C GLY B 156 15.19 17.29 -5.05
N PHE B 157 15.32 18.44 -4.40
CA PHE B 157 14.26 19.10 -3.67
C PHE B 157 13.48 20.09 -4.51
N TYR B 158 12.34 20.54 -3.95
CA TYR B 158 11.54 21.67 -4.51
C TYR B 158 12.02 22.99 -3.89
N GLY B 159 11.95 24.09 -4.66
CA GLY B 159 12.48 25.41 -4.23
C GLY B 159 13.60 25.92 -5.13
N THR B 160 14.20 27.03 -4.76
CA THR B 160 15.25 27.63 -5.53
C THR B 160 16.42 26.64 -5.57
N PRO B 161 16.78 26.18 -6.79
CA PRO B 161 17.89 25.24 -6.99
C PRO B 161 19.17 25.93 -6.50
N TRP B 162 20.16 25.17 -6.03
CA TRP B 162 21.44 25.76 -5.57
C TRP B 162 22.08 26.63 -6.62
N SER B 163 22.80 27.66 -6.17
CA SER B 163 23.50 28.53 -7.06
C SER B 163 24.80 27.89 -7.52
N HIS B 164 25.29 28.41 -8.66
CA HIS B 164 26.42 27.85 -9.27
C HIS B 164 27.54 27.90 -8.24
N GLN B 165 27.73 29.06 -7.61
CA GLN B 165 28.76 29.17 -6.62
C GLN B 165 28.53 28.15 -5.48
N ALA B 166 27.29 27.98 -5.00
CA ALA B 166 27.09 27.00 -3.95
C ALA B 166 27.51 25.59 -4.41
N ARG B 167 27.23 25.26 -5.70
CA ARG B 167 27.48 23.91 -6.20
C ARG B 167 28.99 23.62 -6.33
N LEU B 168 29.78 24.65 -6.67
CA LEU B 168 31.22 24.49 -6.72
C LEU B 168 31.79 24.23 -5.32
N SER B 169 31.24 24.91 -4.31
CA SER B 169 31.62 24.71 -2.93
C SER B 169 31.26 23.36 -2.40
N GLN B 170 30.07 22.87 -2.79
CA GLN B 170 29.62 21.56 -2.40
C GLN B 170 30.53 20.48 -2.94
N LEU B 171 31.07 20.67 -4.15
CA LEU B 171 31.82 19.60 -4.78
C LEU B 171 33.18 19.46 -4.13
N LYS B 172 33.80 20.55 -3.71
CA LYS B 172 35.00 20.45 -2.95
C LYS B 172 34.74 19.84 -1.58
N PHE B 173 33.62 20.20 -0.94
CA PHE B 173 33.28 19.64 0.35
C PHE B 173 33.06 18.11 0.24
N TYR B 174 32.49 17.64 -0.85
CA TYR B 174 32.33 16.20 -1.04
C TYR B 174 33.65 15.48 -1.13
N GLY B 175 34.56 16.01 -1.94
CA GLY B 175 35.87 15.38 -2.11
C GLY B 175 36.61 15.24 -0.80
N LYS B 176 36.56 16.28 0.04
CA LYS B 176 37.23 16.29 1.33
C LYS B 176 36.63 15.24 2.26
N ASN B 177 35.32 14.97 2.10
CA ASN B 177 34.60 14.04 3.00
C ASN B 177 34.34 12.66 2.38
N LYS B 178 34.99 12.39 1.23
CA LYS B 178 34.93 11.08 0.55
C LYS B 178 33.56 10.69 0.08
N MET B 179 32.79 11.69 -0.28
CA MET B 179 31.54 11.43 -0.98
C MET B 179 31.85 11.37 -2.45
N ASN B 180 31.52 10.26 -3.06
CA ASN B 180 31.82 10.10 -4.48
C ASN B 180 30.58 10.35 -5.41
N THR B 181 29.50 10.90 -4.86
CA THR B 181 28.28 10.97 -5.69
C THR B 181 27.57 12.27 -5.51
N TYR B 182 27.37 13.01 -6.62
CA TYR B 182 26.46 14.19 -6.65
C TYR B 182 25.42 13.94 -7.72
N ILE B 183 24.16 13.82 -7.28
CA ILE B 183 23.08 13.66 -8.24
C ILE B 183 22.34 15.00 -8.45
N TYR B 184 22.40 15.54 -9.66
CA TYR B 184 21.84 16.84 -9.96
C TYR B 184 20.41 16.57 -10.40
N GLY B 185 19.45 17.07 -9.64
CA GLY B 185 18.02 16.92 -10.04
C GLY B 185 17.06 17.87 -9.34
N PRO B 186 17.38 19.22 -9.35
CA PRO B 186 16.48 20.13 -8.68
C PRO B 186 15.08 20.10 -9.36
N LYS B 187 14.04 19.83 -8.59
CA LYS B 187 12.69 19.72 -9.15
C LYS B 187 12.29 20.92 -10.01
N ASP B 188 12.70 22.12 -9.56
CA ASP B 188 12.31 23.37 -10.23
C ASP B 188 13.22 23.87 -11.36
N ASP B 189 14.19 23.05 -11.75
CA ASP B 189 14.98 23.29 -12.95
C ASP B 189 14.15 22.86 -14.16
N PRO B 190 13.76 23.85 -14.98
CA PRO B 190 12.97 23.52 -16.15
C PRO B 190 13.69 22.65 -17.20
N TYR B 191 15.03 22.66 -17.28
CA TYR B 191 15.71 21.70 -18.20
C TYR B 191 15.88 20.26 -17.62
N HIS B 192 15.64 20.09 -16.31
CA HIS B 192 15.64 18.78 -15.63
C HIS B 192 14.20 18.17 -15.64
N SER B 193 13.18 19.00 -15.36
CA SER B 193 11.80 18.49 -15.31
C SER B 193 10.88 19.04 -16.42
N ALA B 194 9.56 18.98 -16.16
CA ALA B 194 8.51 19.85 -16.82
C ALA B 194 8.86 21.27 -16.88
N PRO B 195 8.72 21.85 -18.06
CA PRO B 195 8.24 21.13 -19.25
C PRO B 195 9.35 20.86 -20.21
N ASN B 196 10.57 21.37 -19.94
CA ASN B 196 11.63 21.47 -20.95
C ASN B 196 12.79 20.46 -20.82
N TRP B 197 12.52 19.32 -20.20
CA TRP B 197 13.46 18.22 -20.16
C TRP B 197 13.99 17.86 -21.56
N ARG B 198 13.14 18.12 -22.55
CA ARG B 198 13.45 17.77 -23.93
C ARG B 198 14.50 18.69 -24.54
N LEU B 199 14.71 19.86 -23.92
CA LEU B 199 15.59 20.91 -24.50
C LEU B 199 17.00 20.93 -23.91
N PRO B 200 18.02 21.08 -24.75
CA PRO B 200 19.39 21.25 -24.24
C PRO B 200 19.44 22.49 -23.39
N TYR B 201 20.32 22.52 -22.40
CA TYR B 201 20.44 23.72 -21.57
C TYR B 201 20.79 24.91 -22.45
N PRO B 202 20.37 26.12 -22.09
CA PRO B 202 20.92 27.20 -22.88
C PRO B 202 22.43 27.31 -22.64
N ASP B 203 23.12 28.07 -23.50
CA ASP B 203 24.59 28.19 -23.45
C ASP B 203 25.21 28.50 -22.10
N LYS B 204 24.69 29.51 -21.40
CA LYS B 204 25.30 29.95 -20.14
C LYS B 204 25.22 28.79 -19.12
N GLU B 205 24.05 28.16 -19.02
CA GLU B 205 23.86 27.03 -18.09
C GLU B 205 24.70 25.84 -18.54
N ALA B 206 24.76 25.58 -19.84
CA ALA B 206 25.58 24.46 -20.37
C ALA B 206 27.03 24.62 -19.92
N ALA B 207 27.54 25.84 -20.05
CA ALA B 207 28.92 26.16 -19.63
C ALA B 207 29.15 25.99 -18.11
N GLN B 208 28.16 26.38 -17.30
CA GLN B 208 28.22 26.18 -15.86
C GLN B 208 28.25 24.71 -15.55
N LEU B 209 27.35 23.94 -16.15
CA LEU B 209 27.29 22.51 -15.89
C LEU B 209 28.57 21.82 -16.32
N GLN B 210 29.23 22.34 -17.35
CA GLN B 210 30.48 21.78 -17.83
C GLN B 210 31.60 22.07 -16.84
N GLU B 211 31.60 23.25 -16.24
CA GLU B 211 32.51 23.57 -15.18
C GLU B 211 32.27 22.70 -13.90
N LEU B 212 31.00 22.57 -13.50
CA LEU B 212 30.62 21.65 -12.38
C LEU B 212 31.16 20.22 -12.64
N VAL B 213 31.00 19.72 -13.85
CA VAL B 213 31.55 18.40 -14.19
C VAL B 213 33.06 18.32 -14.03
N ALA B 214 33.78 19.32 -14.54
CA ALA B 214 35.27 19.38 -14.39
C ALA B 214 35.70 19.39 -12.90
N VAL B 215 35.04 20.22 -12.11
CA VAL B 215 35.32 20.35 -10.70
C VAL B 215 34.91 19.04 -9.96
N ALA B 216 33.82 18.41 -10.36
CA ALA B 216 33.45 17.12 -9.77
C ALA B 216 34.59 16.10 -10.03
N ASN B 217 35.02 16.01 -11.29
CA ASN B 217 36.07 15.06 -11.66
C ASN B 217 37.32 15.29 -10.84
N GLU B 218 37.73 16.56 -10.67
CA GLU B 218 38.87 16.89 -9.82
C GLU B 218 38.71 16.46 -8.35
N ASN B 219 37.47 16.45 -7.85
CA ASN B 219 37.29 16.15 -6.43
C ASN B 219 36.88 14.69 -6.26
N GLU B 220 37.12 13.91 -7.32
CA GLU B 220 36.75 12.49 -7.40
C GLU B 220 35.24 12.21 -7.13
N VAL B 221 34.36 13.12 -7.56
CA VAL B 221 32.92 12.93 -7.36
C VAL B 221 32.37 12.59 -8.73
N ASP B 222 31.51 11.59 -8.81
CA ASP B 222 30.74 11.36 -10.01
C ASP B 222 29.59 12.34 -10.08
N PHE B 223 29.59 13.22 -11.09
CA PHE B 223 28.43 14.09 -11.41
C PHE B 223 27.39 13.21 -12.08
N VAL B 224 26.23 13.01 -11.44
CA VAL B 224 25.19 12.20 -12.04
C VAL B 224 24.09 13.17 -12.45
N TRP B 225 23.83 13.30 -13.78
CA TRP B 225 22.74 14.16 -14.24
C TRP B 225 21.44 13.37 -14.32
N ALA B 226 20.42 13.86 -13.66
CA ALA B 226 19.15 13.17 -13.61
C ALA B 226 18.15 13.88 -14.52
N ILE B 227 17.07 13.20 -14.90
CA ILE B 227 16.09 13.76 -15.77
C ILE B 227 14.77 13.30 -15.14
N HIS B 228 13.74 14.14 -15.25
CA HIS B 228 12.47 13.97 -14.49
C HIS B 228 11.37 14.22 -15.54
N PRO B 229 11.30 13.29 -16.52
CA PRO B 229 10.50 13.46 -17.74
C PRO B 229 9.08 12.90 -17.58
N GLY B 230 8.87 12.23 -16.46
CA GLY B 230 7.59 11.45 -16.29
C GLY B 230 6.21 12.11 -16.38
N GLN B 231 6.06 13.38 -15.97
CA GLN B 231 4.70 14.03 -15.91
C GLN B 231 3.99 14.07 -17.26
N ASP B 232 4.77 14.26 -18.32
CA ASP B 232 4.24 14.44 -19.69
C ASP B 232 4.89 13.49 -20.70
N ILE B 233 5.68 12.52 -20.25
CA ILE B 233 6.32 11.60 -21.22
C ILE B 233 5.24 10.81 -21.98
N LYS B 234 5.47 10.62 -23.27
CA LYS B 234 4.72 9.64 -24.04
C LYS B 234 5.60 8.45 -24.32
N TRP B 235 5.00 7.27 -24.21
CA TRP B 235 5.70 6.03 -24.44
C TRP B 235 5.76 5.77 -25.93
N ASN B 236 6.47 6.62 -26.66
CA ASN B 236 6.61 6.48 -28.11
C ASN B 236 8.06 6.74 -28.52
N LYS B 237 8.35 6.53 -29.80
CA LYS B 237 9.70 6.71 -30.31
C LYS B 237 10.17 8.15 -30.21
N GLU B 238 9.29 9.08 -30.51
CA GLU B 238 9.71 10.47 -30.48
C GLU B 238 10.34 10.90 -29.11
N ASP B 239 9.69 10.53 -28.00
CA ASP B 239 10.10 10.99 -26.63
C ASP B 239 11.34 10.23 -26.14
N ARG B 240 11.34 8.93 -26.39
CA ARG B 240 12.54 8.11 -26.19
C ARG B 240 13.78 8.72 -26.84
N ASP B 241 13.69 9.03 -28.13
CA ASP B 241 14.81 9.68 -28.84
C ASP B 241 15.18 11.03 -28.29
N LEU B 242 14.19 11.85 -27.95
CA LEU B 242 14.54 13.14 -27.37
C LEU B 242 15.29 13.00 -26.02
N LEU B 243 14.83 12.05 -25.20
CA LEU B 243 15.52 11.73 -23.93
C LEU B 243 16.97 11.28 -24.20
N LEU B 244 17.18 10.30 -25.11
CA LEU B 244 18.59 9.96 -25.45
C LEU B 244 19.36 11.11 -26.07
N ALA B 245 18.68 11.92 -26.90
CA ALA B 245 19.32 13.10 -27.47
C ALA B 245 19.77 14.07 -26.39
N LYS B 246 18.95 14.22 -25.35
CA LYS B 246 19.33 15.08 -24.21
C LYS B 246 20.55 14.48 -23.41
N PHE B 247 20.50 13.18 -23.09
CA PHE B 247 21.60 12.49 -22.40
C PHE B 247 22.89 12.67 -23.20
N GLU B 248 22.78 12.46 -24.52
CA GLU B 248 23.89 12.72 -25.41
C GLU B 248 24.42 14.16 -25.28
N LYS B 249 23.54 15.17 -25.20
CA LYS B 249 24.04 16.54 -25.01
C LYS B 249 24.82 16.65 -23.69
N MET B 250 24.25 16.04 -22.65
CA MET B 250 24.86 16.07 -21.34
C MET B 250 26.22 15.34 -21.40
N TYR B 251 26.28 14.18 -22.08
CA TYR B 251 27.58 13.47 -22.36
C TYR B 251 28.63 14.41 -22.94
N GLN B 252 28.22 15.22 -23.92
CA GLN B 252 29.15 16.19 -24.54
C GLN B 252 29.67 17.27 -23.59
N LEU B 253 28.88 17.63 -22.57
CA LEU B 253 29.41 18.54 -21.51
C LEU B 253 30.36 17.87 -20.51
N GLY B 254 30.49 16.54 -20.62
CA GLY B 254 31.31 15.78 -19.69
C GLY B 254 30.57 14.81 -18.76
N VAL B 255 29.24 14.73 -18.86
CA VAL B 255 28.50 13.88 -17.93
C VAL B 255 28.75 12.39 -18.25
N ARG B 256 29.07 11.61 -17.20
CA ARG B 256 29.40 10.18 -17.33
C ARG B 256 28.54 9.27 -16.44
N SER B 257 27.73 9.88 -15.56
CA SER B 257 26.63 9.11 -14.93
C SER B 257 25.25 9.79 -15.09
N PHE B 258 24.17 8.98 -15.10
CA PHE B 258 22.86 9.44 -15.46
C PHE B 258 21.76 8.82 -14.62
N ALA B 259 20.70 9.58 -14.39
CA ALA B 259 19.55 8.99 -13.73
C ALA B 259 18.24 9.42 -14.37
N VAL B 260 17.18 8.65 -14.13
CA VAL B 260 15.85 8.99 -14.56
C VAL B 260 14.93 8.92 -13.31
N PHE B 261 14.25 10.01 -13.00
CA PHE B 261 13.45 10.11 -11.80
C PHE B 261 11.99 10.10 -12.17
N PHE B 262 11.24 9.15 -11.60
CA PHE B 262 9.81 9.08 -11.79
C PHE B 262 9.04 9.42 -10.52
N ASP B 263 9.66 10.21 -9.63
CA ASP B 263 9.03 10.56 -8.37
C ASP B 263 8.03 11.71 -8.45
N ASP B 264 6.94 11.59 -7.69
CA ASP B 264 5.93 12.68 -7.55
C ASP B 264 5.29 13.07 -8.89
N ILE B 265 4.92 12.07 -9.69
CA ILE B 265 4.24 12.32 -10.98
C ILE B 265 2.94 11.54 -10.98
N SER B 266 2.05 11.85 -11.92
CA SER B 266 0.84 11.08 -12.12
C SER B 266 0.61 10.78 -13.61
N GLY B 267 -0.24 9.76 -13.90
CA GLY B 267 -0.60 9.43 -15.29
C GLY B 267 0.25 8.33 -15.88
N GLU B 268 0.47 8.40 -17.19
CA GLU B 268 1.06 7.29 -17.95
C GLU B 268 2.49 7.04 -17.64
N GLY B 269 3.21 8.09 -17.27
CA GLY B 269 4.63 7.99 -17.00
C GLY B 269 4.88 7.15 -15.75
N THR B 270 3.80 6.74 -15.07
CA THR B 270 3.90 5.93 -13.83
C THR B 270 3.96 4.41 -14.07
N ASN B 271 3.83 4.01 -15.32
CA ASN B 271 3.78 2.61 -15.69
C ASN B 271 5.14 1.89 -15.45
N PRO B 272 5.19 0.89 -14.53
CA PRO B 272 6.51 0.29 -14.17
C PRO B 272 7.13 -0.47 -15.32
N GLN B 273 6.29 -1.13 -16.12
CA GLN B 273 6.72 -1.93 -17.25
C GLN B 273 7.41 -1.04 -18.32
N LYS B 274 6.77 0.09 -18.65
CA LYS B 274 7.34 1.09 -19.59
C LYS B 274 8.60 1.78 -19.04
N GLN B 275 8.57 2.07 -17.73
CA GLN B 275 9.75 2.66 -17.06
C GLN B 275 10.93 1.71 -17.16
N ALA B 276 10.70 0.43 -16.87
CA ALA B 276 11.78 -0.57 -16.94
C ALA B 276 12.32 -0.72 -18.35
N GLU B 277 11.42 -0.70 -19.33
CA GLU B 277 11.78 -0.79 -20.76
C GLU B 277 12.57 0.43 -21.19
N LEU B 278 12.14 1.60 -20.76
CA LEU B 278 12.90 2.79 -21.11
C LEU B 278 14.30 2.71 -20.52
N LEU B 279 14.38 2.30 -19.25
CA LEU B 279 15.67 2.25 -18.60
C LEU B 279 16.59 1.21 -19.23
N ASN B 280 16.03 0.04 -19.54
CA ASN B 280 16.77 -0.98 -20.29
C ASN B 280 17.21 -0.50 -21.67
N TYR B 281 16.36 0.30 -22.32
CA TYR B 281 16.76 0.87 -23.60
C TYR B 281 17.92 1.88 -23.48
N ILE B 282 17.88 2.80 -22.49
CA ILE B 282 19.03 3.70 -22.21
C ILE B 282 20.34 2.93 -21.91
N ASP B 283 20.18 1.85 -21.16
CA ASP B 283 21.35 0.99 -20.85
C ASP B 283 21.95 0.40 -22.13
N GLU B 284 21.10 -0.26 -22.91
CA GLU B 284 21.60 -1.01 -24.05
C GLU B 284 22.04 -0.09 -25.21
N LYS B 285 21.28 0.96 -25.50
CA LYS B 285 21.66 1.89 -26.56
C LYS B 285 22.59 3.03 -26.16
N PHE B 286 22.89 3.22 -24.88
CA PHE B 286 23.71 4.41 -24.47
C PHE B 286 24.79 4.05 -23.44
N ALA B 287 24.38 3.58 -22.26
CA ALA B 287 25.36 3.24 -21.20
C ALA B 287 26.25 2.05 -21.59
N GLN B 288 25.75 1.18 -22.50
CA GLN B 288 26.57 0.09 -23.01
C GLN B 288 27.19 0.40 -24.35
N VAL B 289 27.00 1.61 -24.88
CA VAL B 289 27.61 2.01 -26.13
C VAL B 289 28.75 3.04 -25.96
N LYS B 290 28.61 4.02 -25.07
CA LYS B 290 29.74 4.93 -24.70
C LYS B 290 30.86 4.14 -24.01
N PRO B 291 32.12 4.59 -24.14
CA PRO B 291 33.17 3.77 -23.52
C PRO B 291 33.23 3.80 -21.98
N ASP B 292 32.58 4.81 -21.37
CA ASP B 292 32.99 5.24 -20.03
C ASP B 292 31.83 5.69 -19.16
N ILE B 293 30.68 5.06 -19.29
CA ILE B 293 29.58 5.45 -18.46
C ILE B 293 29.64 4.68 -17.14
N ASN B 294 29.48 5.42 -16.05
CA ASN B 294 29.58 4.85 -14.70
C ASN B 294 28.31 4.40 -14.02
N GLN B 295 27.50 5.35 -13.55
CA GLN B 295 26.31 5.03 -12.77
C GLN B 295 25.07 5.22 -13.67
N LEU B 296 24.10 4.32 -13.52
CA LEU B 296 22.86 4.47 -14.21
C LEU B 296 21.81 4.12 -13.16
N VAL B 297 20.99 5.10 -12.81
CA VAL B 297 20.18 5.06 -11.61
C VAL B 297 18.78 5.46 -11.98
N MET B 298 17.79 4.87 -11.32
CA MET B 298 16.40 5.33 -11.51
C MET B 298 15.69 5.53 -10.15
N CYS B 299 14.78 6.52 -10.04
CA CYS B 299 13.99 6.67 -8.81
C CYS B 299 12.53 6.28 -9.14
N PRO B 300 11.97 5.33 -8.41
CA PRO B 300 10.63 4.82 -8.76
C PRO B 300 9.50 5.81 -8.42
N THR B 301 8.32 5.63 -9.01
CA THR B 301 7.09 6.33 -8.60
C THR B 301 6.58 5.95 -7.19
N GLU B 302 6.59 4.67 -6.90
CA GLU B 302 6.33 4.17 -5.54
C GLU B 302 7.66 4.04 -4.89
N TYR B 303 8.08 5.09 -4.18
CA TYR B 303 9.47 5.21 -3.79
C TYR B 303 9.65 5.06 -2.27
N ASN B 304 8.57 4.68 -1.58
CA ASN B 304 8.63 4.38 -0.13
C ASN B 304 7.50 3.39 0.18
N LYS B 305 7.59 2.69 1.31
CA LYS B 305 6.63 1.60 1.64
C LYS B 305 5.19 2.05 1.74
N SER B 306 4.92 3.17 2.44
CA SER B 306 3.53 3.62 2.56
C SER B 306 2.92 3.96 1.20
N TRP B 307 3.75 4.45 0.30
CA TRP B 307 3.33 4.82 -1.06
C TRP B 307 3.29 3.58 -1.99
N SER B 308 3.87 2.48 -1.55
CA SER B 308 3.78 1.26 -2.33
CA SER B 308 3.76 1.25 -2.31
C SER B 308 2.38 0.68 -2.13
N ASN B 309 1.71 0.41 -3.25
CA ASN B 309 0.33 -0.03 -3.22
C ASN B 309 0.27 -1.53 -2.88
N PRO B 310 -0.44 -1.90 -1.79
CA PRO B 310 -0.33 -3.27 -1.28
C PRO B 310 -0.87 -4.31 -2.30
N ASN B 311 -0.05 -5.34 -2.54
CA ASN B 311 -0.40 -6.46 -3.43
C ASN B 311 -0.38 -5.99 -4.88
N GLY B 312 0.12 -4.75 -5.09
CA GLY B 312 0.24 -4.19 -6.42
C GLY B 312 1.51 -4.75 -7.02
N ASN B 313 1.66 -4.65 -8.32
CA ASN B 313 2.88 -5.32 -8.85
C ASN B 313 4.02 -4.32 -9.21
N TYR B 314 3.96 -3.13 -8.65
CA TYR B 314 4.80 -2.06 -9.16
C TYR B 314 6.29 -2.34 -8.88
N LEU B 315 6.63 -2.56 -7.61
CA LEU B 315 8.06 -2.74 -7.30
C LEU B 315 8.60 -4.06 -7.81
N THR B 316 7.77 -5.12 -7.73
CA THR B 316 8.21 -6.40 -8.32
C THR B 316 8.41 -6.36 -9.85
N THR B 317 7.54 -5.65 -10.57
CA THR B 317 7.79 -5.42 -12.01
C THR B 317 9.17 -4.76 -12.22
N LEU B 318 9.45 -3.68 -11.49
CA LEU B 318 10.78 -3.07 -11.61
C LEU B 318 11.87 -4.09 -11.29
N GLY B 319 11.76 -4.76 -10.16
CA GLY B 319 12.83 -5.67 -9.71
C GLY B 319 13.13 -6.80 -10.71
N ASP B 320 12.06 -7.31 -11.33
CA ASP B 320 12.17 -8.37 -12.33
C ASP B 320 12.65 -7.87 -13.70
N LYS B 321 12.11 -6.76 -14.23
CA LYS B 321 12.45 -6.28 -15.60
C LYS B 321 13.68 -5.38 -15.74
N LEU B 322 14.02 -4.57 -14.72
CA LEU B 322 15.18 -3.67 -14.83
C LEU B 322 16.46 -4.45 -14.91
N ASN B 323 17.26 -4.21 -15.94
CA ASN B 323 18.60 -4.82 -16.01
C ASN B 323 19.31 -4.74 -14.64
N PRO B 324 20.04 -5.82 -14.24
CA PRO B 324 20.61 -5.89 -12.89
C PRO B 324 21.63 -4.79 -12.53
N SER B 325 22.21 -4.13 -13.51
CA SER B 325 23.20 -3.10 -13.21
C SER B 325 22.60 -1.72 -12.88
N ILE B 326 21.31 -1.59 -13.07
CA ILE B 326 20.64 -0.29 -12.92
C ILE B 326 20.29 -0.11 -11.44
N GLN B 327 20.56 1.04 -10.86
CA GLN B 327 20.16 1.26 -9.46
C GLN B 327 18.69 1.63 -9.28
N ILE B 328 18.19 1.25 -8.14
CA ILE B 328 16.85 1.68 -7.79
C ILE B 328 16.82 2.36 -6.43
N MET B 329 16.38 3.62 -6.48
CA MET B 329 16.31 4.51 -5.30
C MET B 329 15.09 4.22 -4.42
N TRP B 330 15.20 4.61 -3.14
CA TRP B 330 14.21 4.23 -2.10
C TRP B 330 14.40 5.22 -0.97
N THR B 331 13.29 5.76 -0.46
CA THR B 331 13.37 6.74 0.65
C THR B 331 13.00 6.14 2.02
N GLY B 332 12.70 4.83 2.06
CA GLY B 332 12.53 4.11 3.33
C GLY B 332 11.03 3.75 3.46
N ASP B 333 10.54 3.69 4.70
CA ASP B 333 9.13 3.29 4.94
C ASP B 333 8.12 4.36 4.65
N ARG B 334 8.59 5.59 4.64
CA ARG B 334 7.74 6.74 4.31
CA ARG B 334 7.74 6.74 4.31
C ARG B 334 8.48 7.71 3.41
N VAL B 335 7.76 8.70 2.92
CA VAL B 335 8.38 9.75 2.15
C VAL B 335 9.58 10.29 2.93
N ILE B 336 9.39 10.60 4.22
CA ILE B 336 10.53 11.01 5.08
C ILE B 336 10.72 9.95 6.14
N SER B 337 11.84 9.23 6.10
CA SER B 337 12.07 8.22 7.10
C SER B 337 13.53 7.88 7.27
N ASP B 338 13.81 7.23 8.39
CA ASP B 338 15.13 6.73 8.68
C ASP B 338 15.21 5.27 8.23
N ILE B 339 16.41 4.84 7.86
CA ILE B 339 16.52 3.56 7.21
C ILE B 339 16.79 2.46 8.27
N THR B 340 15.88 1.51 8.35
CA THR B 340 16.00 0.36 9.31
C THR B 340 16.35 -0.97 8.60
N ARG B 341 16.72 -1.97 9.39
CA ARG B 341 17.04 -3.28 8.83
C ARG B 341 15.80 -3.96 8.25
N ASP B 342 14.68 -3.85 8.95
CA ASP B 342 13.43 -4.41 8.46
C ASP B 342 12.97 -3.66 7.20
N GLY B 343 13.13 -2.36 7.20
CA GLY B 343 12.71 -1.55 6.08
C GLY B 343 13.44 -1.91 4.80
N ILE B 344 14.76 -2.03 4.92
CA ILE B 344 15.60 -2.35 3.78
C ILE B 344 15.31 -3.75 3.26
N SER B 345 15.10 -4.69 4.18
CA SER B 345 14.81 -6.07 3.78
C SER B 345 13.56 -6.08 2.93
N TRP B 346 12.59 -5.26 3.34
CA TRP B 346 11.26 -5.28 2.74
C TRP B 346 11.40 -4.82 1.28
N ILE B 347 12.19 -3.76 1.05
CA ILE B 347 12.42 -3.26 -0.31
C ILE B 347 13.31 -4.20 -1.13
N ASN B 348 14.48 -4.59 -0.59
CA ASN B 348 15.41 -5.46 -1.28
C ASN B 348 14.82 -6.76 -1.84
N GLU B 349 13.86 -7.35 -1.15
CA GLU B 349 13.27 -8.60 -1.62
C GLU B 349 12.32 -8.40 -2.80
N ARG B 350 11.89 -7.16 -3.00
CA ARG B 350 10.93 -6.89 -4.07
C ARG B 350 11.65 -6.43 -5.36
N ILE B 351 12.71 -5.67 -5.18
CA ILE B 351 13.51 -5.11 -6.28
C ILE B 351 14.70 -6.01 -6.67
N LYS B 352 15.01 -7.00 -5.83
CA LYS B 352 15.94 -8.08 -6.16
C LYS B 352 17.36 -7.57 -6.23
N ARG B 353 17.67 -6.50 -5.50
CA ARG B 353 19.00 -5.91 -5.50
C ARG B 353 19.03 -4.97 -4.27
N PRO B 354 20.23 -4.55 -3.83
CA PRO B 354 20.31 -3.65 -2.70
C PRO B 354 19.90 -2.24 -3.12
N ALA B 355 18.99 -1.66 -2.34
CA ALA B 355 18.40 -0.35 -2.61
C ALA B 355 19.47 0.73 -2.56
N TYR B 356 19.27 1.74 -3.36
CA TYR B 356 20.07 2.93 -3.38
C TYR B 356 19.30 4.00 -2.60
N ILE B 357 19.75 4.27 -1.40
CA ILE B 357 18.99 5.13 -0.49
C ILE B 357 18.94 6.62 -0.85
N TRP B 358 17.72 7.11 -0.99
CA TRP B 358 17.46 8.54 -1.13
C TRP B 358 16.88 9.05 0.19
N TRP B 359 17.74 9.59 1.04
CA TRP B 359 17.37 9.94 2.41
C TRP B 359 16.88 11.35 2.55
N ASN B 360 15.61 11.49 2.89
CA ASN B 360 15.02 12.83 2.92
C ASN B 360 15.26 13.65 4.16
N PHE B 361 16.53 14.00 4.37
CA PHE B 361 16.90 14.84 5.45
C PHE B 361 18.29 15.32 5.05
N PRO B 362 18.56 16.64 5.21
CA PRO B 362 17.70 17.67 5.84
C PRO B 362 16.69 18.44 5.00
N VAL B 363 16.33 17.92 3.81
CA VAL B 363 15.39 18.61 2.94
C VAL B 363 14.29 19.25 3.79
N SER B 364 14.01 20.54 3.55
CA SER B 364 13.01 21.30 4.33
C SER B 364 11.88 21.83 3.42
N ASP B 365 11.76 21.31 2.22
CA ASP B 365 10.94 21.97 1.18
C ASP B 365 9.45 21.89 1.50
N TYR B 366 9.13 21.18 2.58
CA TYR B 366 7.71 21.06 3.02
C TYR B 366 7.57 21.73 4.43
N VAL B 367 8.65 22.35 4.94
CA VAL B 367 8.65 23.08 6.23
C VAL B 367 9.61 24.26 6.01
N ARG B 368 9.33 25.01 4.95
CA ARG B 368 10.26 25.99 4.43
C ARG B 368 10.57 27.15 5.38
N ASP B 369 9.71 27.34 6.38
CA ASP B 369 9.99 28.35 7.44
C ASP B 369 10.92 27.85 8.56
N HIS B 370 11.42 26.59 8.48
CA HIS B 370 12.41 26.07 9.42
C HIS B 370 13.70 25.73 8.72
N LEU B 371 14.82 25.95 9.41
CA LEU B 371 16.11 25.36 9.12
C LEU B 371 16.18 24.08 9.91
N LEU B 372 16.74 23.01 9.32
CA LEU B 372 17.01 21.74 10.06
C LEU B 372 18.52 21.52 10.23
N LEU B 373 19.06 21.99 11.34
CA LEU B 373 20.49 22.02 11.58
C LEU B 373 21.00 21.00 12.62
N GLY B 374 20.14 20.07 13.03
CA GLY B 374 20.51 19.08 14.02
C GLY B 374 21.34 17.93 13.48
N PRO B 375 21.66 16.99 14.36
CA PRO B 375 22.50 15.83 14.00
C PRO B 375 21.82 14.91 13.02
N VAL B 376 22.63 14.13 12.30
CA VAL B 376 22.10 13.07 11.50
C VAL B 376 21.98 11.81 12.38
N TYR B 377 20.78 11.29 12.54
CA TYR B 377 20.59 10.06 13.31
C TYR B 377 19.35 9.28 12.85
N GLY B 378 19.14 8.07 13.38
CA GLY B 378 17.91 7.29 13.08
C GLY B 378 18.20 6.10 12.15
N ASN B 379 19.35 6.11 11.45
CA ASN B 379 19.60 5.11 10.41
C ASN B 379 20.40 3.94 10.97
N ASP B 380 19.97 2.72 10.65
CA ASP B 380 20.58 1.56 11.24
C ASP B 380 22.05 1.54 10.83
N THR B 381 22.93 1.30 11.78
CA THR B 381 24.35 1.33 11.47
C THR B 381 24.97 -0.04 11.07
N THR B 382 24.15 -1.09 10.89
CA THR B 382 24.70 -2.44 10.67
C THR B 382 24.34 -3.01 9.27
N ILE B 383 23.67 -2.19 8.44
CA ILE B 383 23.01 -2.63 7.19
C ILE B 383 23.73 -2.17 5.93
N ALA B 384 25.00 -1.82 6.07
CA ALA B 384 25.76 -1.36 4.91
C ALA B 384 25.73 -2.31 3.68
N LYS B 385 25.72 -3.63 3.91
CA LYS B 385 25.75 -4.62 2.81
C LYS B 385 24.43 -4.66 2.13
N GLU B 386 23.43 -4.05 2.75
CA GLU B 386 22.08 -4.08 2.22
C GLU B 386 21.71 -2.88 1.34
N MET B 387 22.62 -1.91 1.19
CA MET B 387 22.32 -0.76 0.34
C MET B 387 23.41 -0.54 -0.70
N SER B 388 23.02 -0.21 -1.92
CA SER B 388 23.94 0.06 -3.00
C SER B 388 24.56 1.45 -2.92
N GLY B 389 23.89 2.35 -2.21
CA GLY B 389 24.16 3.76 -2.22
C GLY B 389 23.36 4.42 -1.12
N PHE B 390 23.85 5.55 -0.66
CA PHE B 390 23.13 6.32 0.35
C PHE B 390 23.36 7.79 0.05
N VAL B 391 22.30 8.47 -0.32
CA VAL B 391 22.41 9.90 -0.60
C VAL B 391 21.41 10.74 0.20
N THR B 392 21.84 11.93 0.59
CA THR B 392 20.99 12.86 1.30
C THR B 392 20.38 13.91 0.36
N ASN B 393 19.09 14.15 0.51
CA ASN B 393 18.39 15.25 -0.12
C ASN B 393 18.35 16.42 0.86
N PRO B 394 19.12 17.47 0.59
CA PRO B 394 19.36 18.54 1.59
C PRO B 394 18.42 19.73 1.49
N MET B 395 18.69 20.81 2.25
CA MET B 395 17.82 21.99 2.12
C MET B 395 18.21 22.76 0.86
N GLU B 396 17.29 23.61 0.41
CA GLU B 396 17.61 24.60 -0.56
C GLU B 396 18.74 25.53 -0.07
N HIS B 397 19.01 25.58 1.26
CA HIS B 397 20.19 26.33 1.82
C HIS B 397 21.44 25.44 1.78
N ALA B 398 22.26 25.62 0.76
CA ALA B 398 23.44 24.81 0.49
C ALA B 398 24.43 24.78 1.65
N GLU B 399 24.90 25.93 2.11
CA GLU B 399 25.93 25.91 3.16
C GLU B 399 25.37 25.32 4.46
N SER B 400 24.12 25.66 4.81
CA SER B 400 23.48 25.19 6.04
C SER B 400 23.28 23.65 6.06
N SER B 401 23.27 23.05 4.88
CA SER B 401 23.14 21.61 4.68
C SER B 401 24.46 20.91 4.95
N LYS B 402 25.59 21.62 4.94
CA LYS B 402 26.88 20.93 5.14
C LYS B 402 26.98 20.20 6.50
N ILE B 403 26.20 20.62 7.51
CA ILE B 403 26.14 19.93 8.79
C ILE B 403 25.65 18.47 8.64
N ALA B 404 24.50 18.29 8.02
CA ALA B 404 24.01 16.96 7.75
C ALA B 404 24.90 16.24 6.72
N ILE B 405 25.35 16.94 5.67
CA ILE B 405 26.08 16.28 4.60
C ILE B 405 27.38 15.68 5.11
N TYR B 406 28.07 16.44 5.94
CA TYR B 406 29.31 16.00 6.55
C TYR B 406 29.02 14.73 7.36
N SER B 407 27.86 14.71 7.98
CA SER B 407 27.49 13.67 8.93
C SER B 407 27.12 12.38 8.17
N VAL B 408 26.51 12.57 7.02
CA VAL B 408 26.10 11.49 6.16
C VAL B 408 27.34 10.96 5.48
N ALA B 409 28.29 11.82 5.12
CA ALA B 409 29.56 11.35 4.59
C ALA B 409 30.13 10.34 5.57
N SER B 410 30.06 10.69 6.85
CA SER B 410 30.68 9.95 7.94
C SER B 410 29.92 8.64 8.13
N TYR B 411 28.60 8.72 8.16
CA TYR B 411 27.76 7.53 8.31
C TYR B 411 27.96 6.50 7.19
N ALA B 412 27.98 6.96 5.95
CA ALA B 412 27.99 6.05 4.82
C ALA B 412 29.38 5.42 4.62
N TRP B 413 30.46 6.12 4.99
CA TRP B 413 31.82 5.59 4.83
C TRP B 413 32.10 4.54 5.94
N ASN B 414 31.81 4.90 7.20
CA ASN B 414 32.00 3.97 8.31
C ASN B 414 30.78 3.89 9.22
N PRO B 415 29.75 3.15 8.82
CA PRO B 415 28.58 3.21 9.73
C PRO B 415 28.82 2.58 11.13
N ALA B 416 29.61 1.50 11.20
CA ALA B 416 29.82 0.83 12.49
C ALA B 416 30.49 1.74 13.52
N LYS B 417 31.34 2.71 13.08
CA LYS B 417 31.87 3.72 14.00
C LYS B 417 31.09 5.06 13.96
N TYR B 418 29.89 5.08 13.39
CA TYR B 418 29.14 6.33 13.30
C TYR B 418 28.72 6.88 14.67
N ASP B 419 29.23 8.07 14.97
CA ASP B 419 28.92 8.74 16.26
C ASP B 419 28.09 10.00 15.95
N THR B 420 26.77 9.92 16.15
CA THR B 420 25.81 11.04 15.94
C THR B 420 26.35 12.41 16.38
N TRP B 421 26.57 12.58 17.68
CA TRP B 421 26.80 13.90 18.26
C TRP B 421 28.18 14.40 18.03
N GLN B 422 29.20 13.52 18.08
CA GLN B 422 30.58 14.03 17.84
C GLN B 422 30.69 14.49 16.39
N THR B 423 29.98 13.80 15.48
CA THR B 423 30.15 14.10 14.03
C THR B 423 29.48 15.42 13.70
N TRP B 424 28.30 15.64 14.27
CA TRP B 424 27.62 16.97 14.30
C TRP B 424 28.55 18.09 14.78
N LYS B 425 29.13 17.92 15.97
CA LYS B 425 30.07 18.92 16.49
C LYS B 425 31.25 19.07 15.56
N ASP B 426 31.78 17.95 15.05
CA ASP B 426 32.87 18.00 14.04
C ASP B 426 32.50 18.78 12.78
N ALA B 427 31.34 18.48 12.19
CA ALA B 427 30.85 19.23 11.03
C ALA B 427 30.87 20.76 11.27
N ILE B 428 30.38 21.16 12.44
CA ILE B 428 30.21 22.57 12.79
C ILE B 428 31.56 23.28 12.90
N ARG B 429 32.51 22.63 13.56
CA ARG B 429 33.84 23.16 13.73
C ARG B 429 34.58 23.19 12.41
N THR B 430 34.28 22.25 11.50
CA THR B 430 34.90 22.30 10.16
C THR B 430 34.22 23.43 9.31
N ILE B 431 32.90 23.56 9.39
CA ILE B 431 32.18 24.60 8.64
C ILE B 431 32.48 26.03 9.17
N LEU B 432 32.56 26.22 10.47
CA LEU B 432 32.78 27.55 11.03
C LEU B 432 33.74 27.53 12.22
N PRO B 433 34.98 27.16 11.95
CA PRO B 433 35.97 27.05 13.01
C PRO B 433 35.97 28.29 13.90
N SER B 434 35.85 29.47 13.30
CA SER B 434 35.92 30.73 14.04
C SER B 434 34.78 30.96 15.03
N ALA B 435 33.62 30.37 14.79
CA ALA B 435 32.50 30.54 15.70
C ALA B 435 31.68 29.27 15.92
N ALA B 436 32.38 28.16 16.19
CA ALA B 436 31.79 26.82 16.29
C ALA B 436 30.76 26.73 17.41
N GLU B 437 31.14 27.21 18.57
CA GLU B 437 30.20 27.14 19.69
C GLU B 437 28.90 27.96 19.50
N GLU B 438 29.03 29.10 18.86
CA GLU B 438 27.88 29.93 18.51
C GLU B 438 26.96 29.22 17.51
N LEU B 439 27.56 28.57 16.49
CA LEU B 439 26.79 27.76 15.54
C LEU B 439 26.08 26.56 16.18
N GLU B 440 26.81 25.89 17.08
CA GLU B 440 26.29 24.80 17.89
C GLU B 440 25.08 25.28 18.59
N CYS B 441 25.23 26.44 19.25
CA CYS B 441 24.13 27.03 20.03
C CYS B 441 22.89 27.24 19.13
N PHE B 442 23.07 27.94 18.03
CA PHE B 442 22.02 28.17 17.03
C PHE B 442 21.40 26.87 16.47
N ALA B 443 22.25 25.90 16.06
CA ALA B 443 21.79 24.64 15.49
C ALA B 443 20.98 23.76 16.47
N MET B 444 21.40 23.72 17.74
CA MET B 444 20.69 22.85 18.66
CA MET B 444 20.74 22.96 18.82
C MET B 444 19.29 23.36 18.98
N HIS B 445 19.01 24.63 18.71
CA HIS B 445 17.66 25.14 18.86
C HIS B 445 16.98 25.42 17.52
N ASN B 446 17.53 24.85 16.43
CA ASN B 446 16.99 24.95 15.08
C ASN B 446 17.16 23.61 14.38
N SER B 447 16.39 22.62 14.85
CA SER B 447 16.56 21.18 14.61
C SER B 447 15.23 20.52 14.28
N ASP B 448 14.17 20.94 14.97
CA ASP B 448 12.85 20.30 14.78
C ASP B 448 12.16 20.87 13.54
N LEU B 449 11.16 20.16 13.02
CA LEU B 449 10.46 20.58 11.82
C LEU B 449 9.15 21.24 12.14
N GLY B 450 8.66 21.06 13.36
CA GLY B 450 7.32 21.49 13.71
C GLY B 450 6.33 20.49 13.10
N PRO B 451 5.03 20.65 13.40
CA PRO B 451 4.02 19.68 12.89
C PRO B 451 3.99 19.72 11.37
N ASN B 452 3.88 18.57 10.70
CA ASN B 452 3.80 18.53 9.22
C ASN B 452 3.04 17.28 8.75
N GLY B 453 2.68 17.25 7.47
CA GLY B 453 1.89 16.15 6.89
C GLY B 453 2.70 14.88 6.67
N HIS B 454 4.01 14.95 6.91
CA HIS B 454 4.87 13.76 6.84
C HIS B 454 5.07 13.11 8.18
N GLY B 455 4.72 13.84 9.24
CA GLY B 455 4.83 13.40 10.61
C GLY B 455 6.26 13.18 11.10
N TYR B 456 7.23 13.77 10.41
CA TYR B 456 8.61 13.52 10.75
C TYR B 456 9.05 14.63 11.66
N ARG B 457 9.69 14.27 12.76
CA ARG B 457 10.13 15.25 13.75
C ARG B 457 11.58 14.95 14.14
N ARG B 458 12.29 15.93 14.67
CA ARG B 458 13.63 15.71 15.19
C ARG B 458 13.68 16.31 16.58
N GLU B 459 14.62 15.84 17.39
CA GLU B 459 14.73 16.39 18.74
C GLU B 459 15.35 17.78 18.64
N GLU B 460 15.19 18.59 19.69
CA GLU B 460 15.63 20.01 19.73
C GLU B 460 15.62 20.45 21.16
N SER B 461 16.69 21.17 21.56
CA SER B 461 16.76 21.88 22.82
C SER B 461 16.66 20.90 23.99
N MET B 462 17.14 19.67 23.79
N MET B 462 17.19 19.70 23.78
CA MET B 462 16.96 18.62 24.81
CA MET B 462 17.08 18.60 24.72
C MET B 462 17.70 18.89 26.14
C MET B 462 17.71 18.89 26.10
N ASP B 463 18.86 19.56 26.09
CA ASP B 463 19.59 19.92 27.29
C ASP B 463 18.74 20.78 28.25
N ILE B 464 18.07 21.82 27.76
CA ILE B 464 17.35 22.65 28.71
C ILE B 464 15.92 22.18 28.95
N GLN B 465 15.50 21.19 28.20
CA GLN B 465 14.14 20.65 28.32
C GLN B 465 13.69 20.27 29.76
N PRO B 466 14.53 19.54 30.54
CA PRO B 466 14.10 19.18 31.92
C PRO B 466 13.66 20.42 32.71
N ALA B 467 14.62 21.35 32.86
CA ALA B 467 14.47 22.65 33.49
C ALA B 467 13.30 23.49 32.98
N ALA B 468 13.03 23.44 31.68
CA ALA B 468 11.86 24.13 31.14
C ALA B 468 10.59 23.55 31.70
N GLU B 469 10.47 22.22 31.62
CA GLU B 469 9.22 21.52 31.97
C GLU B 469 8.89 21.62 33.47
N ARG B 470 9.92 21.51 34.31
CA ARG B 470 9.85 21.79 35.76
C ARG B 470 9.43 23.24 36.11
N PHE B 471 9.97 24.20 35.37
CA PHE B 471 9.75 25.61 35.65
C PHE B 471 8.29 25.90 35.40
N LEU B 472 7.83 25.49 34.23
CA LEU B 472 6.47 25.74 33.81
C LEU B 472 5.41 25.01 34.65
N LYS B 473 5.72 23.81 35.15
CA LYS B 473 4.85 23.10 36.09
C LYS B 473 4.75 23.87 37.40
N ALA B 474 5.87 24.03 38.09
CA ALA B 474 5.90 24.79 39.32
C ALA B 474 5.10 26.06 39.19
N PHE B 475 5.44 26.84 38.16
CA PHE B 475 4.94 28.20 38.01
C PHE B 475 3.45 28.20 37.79
N LYS B 476 2.96 27.30 36.93
CA LYS B 476 1.54 27.20 36.69
C LYS B 476 0.73 26.97 37.96
N GLU B 477 1.27 26.22 38.91
CA GLU B 477 0.49 25.76 40.06
C GLU B 477 0.76 26.52 41.34
N GLY B 478 1.26 27.72 41.24
CA GLY B 478 1.47 28.49 42.41
C GLY B 478 2.60 27.93 43.23
N LYS B 479 3.01 26.72 42.88
CA LYS B 479 4.14 26.11 43.53
C LYS B 479 5.36 26.89 43.16
N ASN B 480 6.31 26.97 44.09
CA ASN B 480 7.53 27.73 43.87
C ASN B 480 8.45 27.04 42.87
N TYR B 481 9.19 27.82 42.11
CA TYR B 481 10.06 27.25 41.12
C TYR B 481 11.49 27.16 41.63
N ASP B 482 12.22 26.23 41.06
CA ASP B 482 13.61 26.11 41.35
C ASP B 482 14.43 27.26 40.85
N LYS B 483 15.18 27.85 41.74
CA LYS B 483 16.10 28.91 41.35
C LYS B 483 16.97 28.48 40.17
N ALA B 484 17.56 27.29 40.24
CA ALA B 484 18.54 26.88 39.26
C ALA B 484 17.89 26.73 37.88
N ASP B 485 16.64 26.29 37.81
CA ASP B 485 15.95 26.24 36.55
C ASP B 485 15.75 27.62 35.87
N PHE B 486 15.34 28.62 36.68
CA PHE B 486 15.31 30.03 36.27
C PHE B 486 16.64 30.47 35.70
N GLU B 487 17.74 30.20 36.42
CA GLU B 487 19.03 30.59 35.93
C GLU B 487 19.48 29.81 34.69
N THR B 488 19.03 28.55 34.50
CA THR B 488 19.38 27.75 33.32
C THR B 488 18.79 28.45 32.10
N LEU B 489 17.53 28.89 32.24
CA LEU B 489 16.81 29.56 31.19
C LEU B 489 17.45 30.89 30.87
N GLN B 490 17.72 31.66 31.91
CA GLN B 490 18.38 32.92 31.78
C GLN B 490 19.73 32.79 31.04
N TYR B 491 20.55 31.84 31.45
CA TYR B 491 21.85 31.56 30.82
C TYR B 491 21.67 31.21 29.33
N THR B 492 20.60 30.47 29.04
CA THR B 492 20.27 30.05 27.67
C THR B 492 19.93 31.25 26.77
N PHE B 493 19.03 32.12 27.23
CA PHE B 493 18.74 33.33 26.46
C PHE B 493 19.98 34.19 26.27
N GLU B 494 20.82 34.25 27.29
CA GLU B 494 22.03 35.02 27.16
C GLU B 494 22.89 34.46 26.04
N ARG B 495 23.06 33.15 26.02
CA ARG B 495 23.97 32.46 25.12
C ARG B 495 23.43 32.59 23.70
N MET B 496 22.10 32.51 23.58
CA MET B 496 21.43 32.74 22.32
C MET B 496 21.80 34.12 21.70
N LYS B 497 21.78 35.17 22.53
CA LYS B 497 22.03 36.51 21.99
C LYS B 497 23.46 36.66 21.56
N GLU B 498 24.37 36.17 22.38
CA GLU B 498 25.81 36.08 22.02
C GLU B 498 26.03 35.40 20.66
N SER B 499 25.38 34.25 20.50
CA SER B 499 25.52 33.46 19.27
C SER B 499 24.92 34.18 18.06
N ALA B 500 23.66 34.64 18.17
CA ALA B 500 23.01 35.46 17.12
C ALA B 500 23.89 36.64 16.68
N ASP B 501 24.41 37.45 17.60
CA ASP B 501 25.23 38.64 17.17
C ASP B 501 26.60 38.29 16.59
N ILE B 502 27.17 37.19 17.06
CA ILE B 502 28.47 36.77 16.54
C ILE B 502 28.28 36.16 15.17
N LEU B 503 27.24 35.37 15.00
CA LEU B 503 26.95 34.78 13.67
C LEU B 503 26.64 35.81 12.57
N LEU B 504 25.78 36.79 12.88
CA LEU B 504 25.53 37.90 11.95
C LEU B 504 26.77 38.52 11.32
N MET B 505 27.81 38.65 12.14
CA MET B 505 28.97 39.41 11.76
C MET B 505 30.14 38.55 11.32
N ASN B 506 29.92 37.22 11.29
CA ASN B 506 30.99 36.31 10.90
C ASN B 506 31.23 36.48 9.42
N THR B 507 32.47 36.49 9.00
CA THR B 507 32.82 36.66 7.58
C THR B 507 33.72 35.56 7.08
N GLU B 508 33.82 34.48 7.86
CA GLU B 508 34.57 33.30 7.47
C GLU B 508 33.75 32.53 6.43
N ASN B 509 32.46 32.37 6.70
CA ASN B 509 31.57 31.75 5.71
C ASN B 509 30.40 32.67 5.43
N LYS B 510 30.64 33.67 4.59
CA LYS B 510 29.59 34.64 4.29
C LYS B 510 28.36 33.99 3.68
N PRO B 511 28.54 33.05 2.71
CA PRO B 511 27.29 32.53 2.12
C PRO B 511 26.41 31.87 3.16
N LEU B 512 27.03 31.13 4.06
CA LEU B 512 26.34 30.52 5.19
C LEU B 512 25.51 31.55 5.97
N ILE B 513 26.18 32.64 6.33
CA ILE B 513 25.56 33.65 7.14
C ILE B 513 24.38 34.29 6.44
N VAL B 514 24.55 34.57 5.14
CA VAL B 514 23.47 35.10 4.34
C VAL B 514 22.25 34.16 4.34
N GLU B 515 22.48 32.87 4.11
CA GLU B 515 21.43 31.86 4.29
C GLU B 515 20.67 31.93 5.60
N ILE B 516 21.40 31.95 6.70
CA ILE B 516 20.74 31.86 7.99
C ILE B 516 20.26 33.18 8.59
N THR B 517 20.68 34.34 8.02
CA THR B 517 20.46 35.62 8.69
C THR B 517 19.02 35.88 9.21
N PRO B 518 17.98 35.64 8.36
CA PRO B 518 16.64 35.92 8.86
C PRO B 518 16.27 35.11 10.11
N TRP B 519 16.78 33.88 10.20
CA TRP B 519 16.55 33.01 11.37
C TRP B 519 17.34 33.48 12.49
N VAL B 520 18.56 33.94 12.19
CA VAL B 520 19.33 34.47 13.29
C VAL B 520 18.62 35.66 13.93
N HIS B 521 18.10 36.59 13.12
CA HIS B 521 17.37 37.78 13.63
C HIS B 521 16.20 37.30 14.52
N GLN B 522 15.46 36.31 14.04
CA GLN B 522 14.30 35.82 14.79
C GLN B 522 14.73 35.12 16.09
N PHE B 523 15.89 34.45 16.05
CA PHE B 523 16.49 33.71 17.18
C PHE B 523 16.88 34.69 18.29
N LYS B 524 17.56 35.80 17.95
CA LYS B 524 17.83 36.89 18.89
C LYS B 524 16.55 37.49 19.47
N LEU B 525 15.53 37.73 18.63
CA LEU B 525 14.28 38.32 19.15
C LEU B 525 13.71 37.41 20.24
N THR B 526 13.77 36.11 19.96
CA THR B 526 13.22 35.05 20.78
C THR B 526 13.93 35.06 22.12
N ALA B 527 15.27 35.17 22.09
CA ALA B 527 15.97 35.21 23.34
C ALA B 527 15.62 36.48 24.15
N GLU B 528 15.55 37.65 23.46
CA GLU B 528 15.30 38.93 24.16
C GLU B 528 13.93 38.84 24.77
N MET B 529 12.98 38.31 24.02
CA MET B 529 11.65 38.10 24.55
C MET B 529 11.71 37.25 25.80
N GLY B 530 12.47 36.15 25.74
CA GLY B 530 12.61 35.28 26.90
C GLY B 530 13.14 36.03 28.12
N GLU B 531 14.22 36.80 27.95
CA GLU B 531 14.75 37.60 29.04
C GLU B 531 13.75 38.54 29.67
N GLU B 532 12.89 39.16 28.85
CA GLU B 532 11.92 40.16 29.32
C GLU B 532 10.79 39.47 30.07
N VAL B 533 10.39 38.32 29.56
CA VAL B 533 9.36 37.52 30.19
C VAL B 533 9.87 37.05 31.55
N LEU B 534 11.12 36.61 31.64
CA LEU B 534 11.72 36.27 32.96
C LEU B 534 11.73 37.47 33.96
N LYS B 535 11.86 38.68 33.44
CA LYS B 535 11.87 39.85 34.30
C LYS B 535 10.47 40.11 34.82
N MET B 536 9.48 39.68 34.04
CA MET B 536 8.09 39.88 34.40
C MET B 536 7.69 38.91 35.54
N VAL B 537 8.26 37.70 35.48
CA VAL B 537 8.10 36.65 36.51
C VAL B 537 8.71 37.09 37.82
N GLU B 538 9.92 37.67 37.79
CA GLU B 538 10.53 38.28 38.96
C GLU B 538 9.73 39.50 39.39
N GLY B 539 9.55 40.46 38.47
CA GLY B 539 8.51 41.49 38.58
C GLY B 539 8.33 42.28 39.85
N ARG B 540 9.32 43.09 40.16
CA ARG B 540 9.38 43.80 41.44
C ARG B 540 8.09 44.50 41.85
N ASN B 541 7.68 45.49 41.06
CA ASN B 541 6.48 46.25 41.29
C ASN B 541 5.66 46.40 40.03
N GLU B 542 4.59 47.17 40.15
CA GLU B 542 3.62 47.23 39.12
C GLU B 542 4.15 47.90 37.85
N SER B 543 4.94 48.96 37.99
CA SER B 543 5.31 49.69 36.81
C SER B 543 6.52 49.10 36.07
N TYR B 544 7.34 48.31 36.78
CA TYR B 544 8.37 47.50 36.15
C TYR B 544 7.66 46.38 35.37
N PHE B 545 6.68 45.73 35.96
CA PHE B 545 5.95 44.73 35.21
C PHE B 545 5.40 45.27 33.86
N LEU B 546 4.82 46.47 33.91
CA LEU B 546 4.22 47.05 32.74
C LEU B 546 5.28 47.43 31.68
N ARG B 547 6.42 47.97 32.12
CA ARG B 547 7.52 48.27 31.24
C ARG B 547 7.91 47.03 30.46
N LYS B 548 8.11 45.94 31.20
CA LYS B 548 8.50 44.65 30.61
C LYS B 548 7.42 44.15 29.69
N TYR B 549 6.18 44.18 30.16
CA TYR B 549 5.04 43.81 29.34
C TYR B 549 5.05 44.57 28.00
N ASN B 550 5.33 45.87 28.04
CA ASN B 550 5.25 46.66 26.80
C ASN B 550 6.43 46.27 25.89
N HIS B 551 7.61 46.08 26.48
CA HIS B 551 8.77 45.64 25.72
C HIS B 551 8.50 44.30 25.03
N VAL B 552 7.96 43.34 25.79
CA VAL B 552 7.56 42.06 25.20
C VAL B 552 6.62 42.26 24.03
N LYS B 553 5.56 43.06 24.17
CA LYS B 553 4.57 43.24 23.08
C LYS B 553 5.23 43.74 21.81
N ALA B 554 6.24 44.59 21.96
CA ALA B 554 6.93 45.17 20.83
C ALA B 554 7.81 44.13 20.15
N LEU B 555 8.48 43.30 20.97
CA LEU B 555 9.30 42.21 20.46
C LEU B 555 8.38 41.18 19.74
N GLN B 556 7.16 41.01 20.22
CA GLN B 556 6.19 40.18 19.51
C GLN B 556 5.86 40.77 18.11
N GLN B 557 5.79 42.10 18.01
CA GLN B 557 5.46 42.73 16.75
C GLN B 557 6.62 42.58 15.82
N GLN B 558 7.82 42.73 16.37
CA GLN B 558 9.00 42.63 15.55
C GLN B 558 9.15 41.24 14.93
N MET B 559 8.82 40.22 15.72
CA MET B 559 8.89 38.84 15.25
C MET B 559 7.86 38.61 14.15
N PHE B 560 6.70 39.26 14.29
CA PHE B 560 5.67 39.19 13.25
C PHE B 560 6.20 39.87 11.96
N TYR B 561 6.84 41.02 12.11
CA TYR B 561 7.39 41.73 10.95
C TYR B 561 8.34 40.80 10.17
N ILE B 562 9.29 40.15 10.87
CA ILE B 562 10.23 39.26 10.20
C ILE B 562 9.52 38.09 9.55
N ASP B 563 8.54 37.54 10.26
CA ASP B 563 7.73 36.44 9.74
C ASP B 563 6.90 36.80 8.49
N GLN B 564 6.67 38.10 8.28
CA GLN B 564 5.90 38.54 7.13
C GLN B 564 6.75 39.14 6.04
N THR B 565 8.02 39.41 6.32
CA THR B 565 8.82 40.04 5.30
C THR B 565 10.04 39.19 4.83
N SER B 566 10.54 38.25 5.63
CA SER B 566 11.63 37.37 5.14
C SER B 566 11.04 36.07 4.62
N ASN B 567 11.72 35.44 3.65
CA ASN B 567 11.39 34.08 3.23
C ASN B 567 9.91 33.87 2.82
N GLN B 568 9.38 34.84 2.10
CA GLN B 568 7.95 34.83 1.70
C GLN B 568 7.72 34.00 0.45
N ASN B 569 7.91 32.69 0.58
CA ASN B 569 7.58 31.71 -0.41
C ASN B 569 6.07 31.32 -0.40
N PRO B 570 5.62 30.68 -1.48
CA PRO B 570 4.19 30.35 -1.63
C PRO B 570 3.69 29.30 -0.65
N TYR B 571 4.57 28.54 0.00
CA TYR B 571 4.11 27.31 0.71
C TYR B 571 4.09 27.37 2.24
N GLN B 572 5.24 27.65 2.85
CA GLN B 572 5.32 27.90 4.29
C GLN B 572 6.15 29.19 4.46
N PRO B 573 5.50 30.37 4.27
CA PRO B 573 6.29 31.60 4.31
C PRO B 573 6.84 31.87 5.69
N GLY B 574 7.89 32.69 5.75
CA GLY B 574 8.33 33.24 7.03
C GLY B 574 9.45 32.52 7.76
N VAL B 575 9.54 32.77 9.04
CA VAL B 575 10.77 32.39 9.73
C VAL B 575 10.47 31.93 11.14
N LYS B 576 10.47 30.64 11.35
CA LYS B 576 10.26 30.03 12.70
C LYS B 576 11.58 29.53 13.30
N THR B 577 11.75 29.69 14.61
CA THR B 577 12.97 29.28 15.24
C THR B 577 12.71 28.82 16.66
N ALA B 578 13.53 27.92 17.19
CA ALA B 578 13.35 27.46 18.61
C ALA B 578 11.92 27.06 18.95
N THR B 579 11.30 26.36 17.99
CA THR B 579 9.89 26.09 18.03
C THR B 579 9.54 24.94 19.00
N ARG B 580 10.43 24.02 19.26
CA ARG B 580 10.00 22.81 19.99
C ARG B 580 9.82 23.05 21.50
N VAL B 581 10.82 23.66 22.13
CA VAL B 581 10.79 23.87 23.55
C VAL B 581 10.74 25.37 23.92
N ILE B 582 11.66 26.19 23.37
CA ILE B 582 11.91 27.51 23.88
C ILE B 582 10.74 28.51 23.64
N LYS B 583 10.32 28.65 22.38
CA LYS B 583 9.23 29.54 22.08
C LYS B 583 7.98 29.16 22.86
N PRO B 584 7.56 27.87 22.81
CA PRO B 584 6.38 27.50 23.63
C PRO B 584 6.55 27.81 25.14
N LEU B 585 7.72 27.57 25.71
CA LEU B 585 7.98 27.98 27.09
C LEU B 585 7.76 29.50 27.34
N ILE B 586 8.34 30.31 26.46
CA ILE B 586 8.21 31.77 26.57
C ILE B 586 6.73 32.19 26.46
N ASP B 587 6.05 31.67 25.47
CA ASP B 587 4.67 32.06 25.26
C ASP B 587 3.83 31.70 26.48
N ARG B 588 4.01 30.45 26.95
CA ARG B 588 3.25 29.94 28.05
C ARG B 588 3.53 30.71 29.36
N THR B 589 4.79 31.01 29.63
CA THR B 589 5.17 31.82 30.76
C THR B 589 4.55 33.25 30.70
N PHE B 590 4.60 33.87 29.51
CA PHE B 590 3.99 35.15 29.31
C PHE B 590 2.46 35.07 29.60
N ALA B 591 1.75 34.16 28.94
CA ALA B 591 0.29 34.06 29.15
C ALA B 591 0.00 33.94 30.65
N THR B 592 0.84 33.18 31.34
CA THR B 592 0.68 32.90 32.77
C THR B 592 0.92 34.09 33.71
N VAL B 593 2.08 34.75 33.66
CA VAL B 593 2.27 35.96 34.48
C VAL B 593 1.24 37.07 34.18
N VAL B 594 0.89 37.24 32.90
CA VAL B 594 -0.16 38.17 32.54
C VAL B 594 -1.50 37.83 33.24
N LYS B 595 -1.91 36.57 33.25
CA LYS B 595 -3.13 36.18 33.95
C LYS B 595 -3.00 36.48 35.46
N PHE B 596 -1.80 36.29 36.01
CA PHE B 596 -1.64 36.45 37.42
C PHE B 596 -1.66 37.91 37.82
N PHE B 597 -0.96 38.73 37.04
CA PHE B 597 -0.95 40.17 37.21
C PHE B 597 -2.38 40.74 37.11
N ASN B 598 -3.15 40.23 36.15
CA ASN B 598 -4.53 40.65 35.94
C ASN B 598 -5.41 40.33 37.15
N GLN B 599 -5.24 39.15 37.73
CA GLN B 599 -6.04 38.73 38.89
C GLN B 599 -5.67 39.57 40.09
N LYS B 600 -4.38 39.82 40.25
CA LYS B 600 -3.80 40.53 41.37
C LYS B 600 -4.15 42.02 41.33
N PHE B 601 -3.93 42.67 40.20
CA PHE B 601 -4.20 44.09 40.07
C PHE B 601 -5.53 44.35 39.41
N ASN B 602 -6.42 43.36 39.39
CA ASN B 602 -7.72 43.58 38.79
C ASN B 602 -7.60 44.25 37.42
N ALA B 603 -6.56 43.89 36.67
CA ALA B 603 -6.22 44.54 35.40
C ALA B 603 -6.75 43.73 34.24
N HIS B 604 -6.55 44.25 33.01
CA HIS B 604 -7.11 43.62 31.81
C HIS B 604 -6.14 43.42 30.63
N LEU B 605 -4.83 43.34 30.95
CA LEU B 605 -3.74 43.12 30.00
C LEU B 605 -4.02 41.99 29.01
N ASP B 606 -3.67 42.22 27.76
CA ASP B 606 -3.96 41.22 26.73
C ASP B 606 -2.83 40.18 26.81
N ALA B 607 -3.20 38.92 26.95
CA ALA B 607 -2.27 37.83 27.23
C ALA B 607 -1.91 37.06 25.95
N THR B 608 -2.36 37.55 24.78
CA THR B 608 -2.06 36.84 23.54
C THR B 608 -0.55 36.96 23.21
N THR B 609 -0.04 35.93 22.56
CA THR B 609 1.40 35.77 22.39
C THR B 609 1.88 35.96 20.94
N ASP B 610 0.97 35.86 19.98
CA ASP B 610 1.32 36.19 18.61
C ASP B 610 0.66 37.48 18.20
N TYR B 611 1.49 38.47 17.86
CA TYR B 611 0.99 39.75 17.39
C TYR B 611 0.10 39.55 16.15
N MET B 612 -1.06 40.20 16.19
CA MET B 612 -2.00 40.21 15.08
C MET B 612 -2.52 41.63 14.88
N PRO B 613 -2.22 42.25 13.73
CA PRO B 613 -2.66 43.64 13.46
C PRO B 613 -4.16 43.78 13.13
N HIS B 614 -4.79 42.67 12.74
CA HIS B 614 -6.23 42.62 12.40
C HIS B 614 -7.02 41.94 13.54
N LYS B 615 -8.34 42.19 13.60
CA LYS B 615 -9.19 41.87 14.77
C LYS B 615 -10.47 41.03 14.51
N MET B 616 -11.21 40.73 15.61
CA MET B 616 -12.45 39.90 15.64
C MET B 616 -13.60 40.44 16.56
N LEU B 626 -10.57 31.27 18.21
CA LEU B 626 -9.73 30.93 17.06
C LEU B 626 -8.90 32.15 16.65
N PRO B 627 -7.57 31.97 16.47
CA PRO B 627 -6.76 33.15 16.10
C PRO B 627 -6.77 33.48 14.59
N LEU B 628 -6.78 34.76 14.26
CA LEU B 628 -6.54 35.21 12.89
C LEU B 628 -5.09 34.99 12.52
N GLN B 629 -4.84 34.53 11.29
CA GLN B 629 -3.49 34.46 10.76
C GLN B 629 -3.34 35.36 9.51
N VAL B 630 -2.09 35.67 9.17
CA VAL B 630 -1.76 36.39 7.94
C VAL B 630 -0.71 35.58 7.16
N LYS B 631 -1.05 35.20 5.94
CA LYS B 631 -0.11 34.55 5.03
C LYS B 631 -0.11 35.25 3.69
N ALA B 632 1.04 35.80 3.30
CA ALA B 632 1.11 36.64 2.13
C ALA B 632 0.01 37.68 2.20
N ASN B 633 -0.88 37.65 1.22
CA ASN B 633 -1.94 38.64 1.12
C ASN B 633 -3.30 38.04 1.48
N ARG B 634 -3.28 37.12 2.43
CA ARG B 634 -4.49 36.52 2.95
C ARG B 634 -4.65 36.82 4.43
N VAL B 635 -5.88 36.95 4.85
CA VAL B 635 -6.22 37.08 6.25
C VAL B 635 -7.29 36.04 6.52
N LEU B 636 -6.95 35.03 7.30
CA LEU B 636 -7.84 33.90 7.55
C LEU B 636 -8.04 33.58 9.02
N ILE B 637 -9.09 32.83 9.30
CA ILE B 637 -9.34 32.37 10.65
C ILE B 637 -8.80 30.96 10.77
N SER B 638 -8.28 30.62 11.93
CA SER B 638 -7.76 29.27 12.13
C SER B 638 -8.88 28.26 11.98
N PRO B 639 -8.65 27.27 11.14
CA PRO B 639 -9.65 26.23 10.89
C PRO B 639 -9.75 25.25 12.05
N ILE B 654 -14.60 40.58 11.15
CA ILE B 654 -13.17 40.83 11.01
C ILE B 654 -12.90 42.26 10.61
N GLU B 655 -11.99 42.92 11.34
CA GLU B 655 -11.64 44.29 11.06
C GLU B 655 -10.17 44.33 10.71
N LEU B 656 -9.87 44.51 9.43
CA LEU B 656 -8.49 44.69 8.95
C LEU B 656 -7.97 45.96 9.58
N ASP B 657 -6.65 46.11 9.64
CA ASP B 657 -6.02 47.25 10.30
C ASP B 657 -6.09 48.52 9.43
N ALA B 658 -6.71 48.40 8.26
CA ALA B 658 -6.83 49.51 7.29
C ALA B 658 -7.79 49.13 6.14
N ILE B 659 -8.08 50.07 5.24
CA ILE B 659 -8.84 49.77 4.01
C ILE B 659 -7.91 49.24 2.91
N TYR B 660 -8.18 48.04 2.40
CA TYR B 660 -7.41 47.46 1.28
C TYR B 660 -8.36 47.11 0.18
N PRO B 661 -7.89 47.12 -1.09
CA PRO B 661 -8.74 46.54 -2.15
C PRO B 661 -8.92 45.06 -1.91
N GLY B 662 -10.18 44.65 -1.78
CA GLY B 662 -10.49 43.27 -1.53
C GLY B 662 -10.42 42.48 -2.80
N GLU B 663 -9.81 41.30 -2.71
CA GLU B 663 -9.56 40.44 -3.85
C GLU B 663 -10.64 39.32 -3.94
N ASN B 664 -10.80 38.54 -2.85
CA ASN B 664 -11.82 37.46 -2.70
C ASN B 664 -11.86 36.67 -1.37
N ILE B 665 -12.84 35.77 -1.25
CA ILE B 665 -13.16 35.04 -0.01
C ILE B 665 -13.43 33.55 -0.29
N GLN B 666 -12.99 32.65 0.61
CA GLN B 666 -13.10 31.18 0.37
C GLN B 666 -13.57 30.33 1.57
N ILE B 667 -14.76 30.64 2.08
CA ILE B 667 -15.37 29.91 3.21
C ILE B 667 -15.78 28.47 2.83
N ASN B 668 -15.80 27.58 3.83
CA ASN B 668 -16.03 26.14 3.62
C ASN B 668 -16.57 25.40 4.86
N LEU B 701 -17.95 27.17 -1.13
CA LEU B 701 -18.29 28.58 -1.23
C LEU B 701 -17.06 29.45 -1.56
N SER B 702 -17.25 30.47 -2.41
CA SER B 702 -16.22 31.46 -2.76
C SER B 702 -16.80 32.63 -3.59
N ALA B 703 -16.14 33.80 -3.56
CA ALA B 703 -16.69 35.03 -4.19
C ALA B 703 -15.66 36.15 -4.47
N GLY B 704 -15.35 36.37 -5.74
CA GLY B 704 -14.45 37.46 -6.17
C GLY B 704 -14.95 38.85 -5.79
N LEU B 705 -14.18 39.57 -4.99
CA LEU B 705 -14.55 40.92 -4.52
C LEU B 705 -14.29 42.06 -5.53
N GLN B 706 -13.68 41.72 -6.68
CA GLN B 706 -13.37 42.70 -7.75
C GLN B 706 -12.72 44.04 -7.32
N LYS B 707 -11.85 43.99 -6.31
CA LYS B 707 -11.10 45.18 -5.80
C LYS B 707 -11.90 46.19 -4.94
N ALA B 708 -13.10 45.82 -4.47
CA ALA B 708 -13.92 46.73 -3.64
C ALA B 708 -13.12 47.11 -2.39
N PRO B 709 -13.12 48.41 -1.96
CA PRO B 709 -12.39 48.68 -0.72
C PRO B 709 -13.01 47.86 0.41
N VAL B 710 -12.18 47.22 1.23
CA VAL B 710 -12.66 46.41 2.36
C VAL B 710 -11.83 46.74 3.61
N LYS B 711 -12.52 46.83 4.74
CA LYS B 711 -11.89 46.97 6.05
C LYS B 711 -12.65 46.15 7.08
N PHE B 712 -13.95 46.02 6.92
CA PHE B 712 -14.75 45.11 7.76
C PHE B 712 -15.28 43.96 6.92
N VAL B 713 -15.37 42.79 7.54
CA VAL B 713 -15.96 41.63 6.90
C VAL B 713 -16.86 40.98 7.93
N PHE B 730 -12.06 29.75 5.98
CA PHE B 730 -12.42 31.17 5.98
C PHE B 730 -11.27 32.16 5.64
N VAL B 731 -11.02 32.37 4.33
CA VAL B 731 -9.84 33.12 3.86
C VAL B 731 -10.23 34.32 3.00
N LEU B 732 -9.80 35.51 3.43
CA LEU B 732 -9.95 36.74 2.65
C LEU B 732 -8.60 37.08 2.00
N THR B 733 -8.62 37.29 0.68
CA THR B 733 -7.45 37.75 -0.10
C THR B 733 -7.60 39.25 -0.36
N ILE B 734 -6.53 40.01 -0.19
CA ILE B 734 -6.54 41.44 -0.43
C ILE B 734 -5.38 41.81 -1.36
N GLU B 735 -5.35 43.05 -1.83
CA GLU B 735 -4.20 43.54 -2.55
C GLU B 735 -3.20 44.05 -1.52
N LYS B 736 -2.07 43.35 -1.41
CA LYS B 736 -1.02 43.73 -0.48
C LYS B 736 0.34 43.66 -1.14
#